data_4WD4
#
_entry.id   4WD4
#
_cell.length_a   74.080
_cell.length_b   54.410
_cell.length_c   122.280
_cell.angle_alpha   90.00
_cell.angle_beta   99.09
_cell.angle_gamma   90.00
#
_symmetry.space_group_name_H-M   'P 1 21 1'
#
loop_
_entity.id
_entity.type
_entity.pdbx_description
1 polymer 'Heme oxygenase 1'
2 non-polymer 'PROTOPORPHYRIN IX CONTAINING FE'
3 non-polymer '4-(2-HYDROXYETHYL)-1-PIPERAZINE ETHANESULFONIC ACID'
4 water water
#
_entity_poly.entity_id   1
_entity_poly.type   'polypeptide(L)'
_entity_poly.pdbx_seq_one_letter_code
;GSHMMERPQPDSMPQDLSEALKEATKEVRTQAENAEFMRNFQKGQVTRDGFKLVMASLYHIYVALEEEIERNKESPVFAP
VYFPEELHRKAALEQDLAFWYGPRWQEVIPYTPAMQRYVKRLHEVGRTEPELLVAHAYTRYLGDLSGGQVLKKIAQKALD
LPSSGEGLAFFTFPNIASATKFKQLYRSRMNSLEMTPAVRQRVIEEAKTAFLLNIQLFEELQELLTHDTKDQSPSRAPGL
RQRASNKVQDSAPVETPRGKPPLNTRSQAPLLRWVLTLSFLVATVAVGLYAM
;
_entity_poly.pdbx_strand_id   A,B,C,D
#
loop_
_chem_comp.id
_chem_comp.type
_chem_comp.name
_chem_comp.formula
EPE non-polymer '4-(2-HYDROXYETHYL)-1-PIPERAZINE ETHANESULFONIC ACID' 'C8 H18 N2 O4 S'
HEM non-polymer 'PROTOPORPHYRIN IX CONTAINING FE' 'C34 H32 Fe N4 O4'
#
# COMPACT_ATOMS: atom_id res chain seq x y z
N PRO A 14 47.85 -0.05 33.00
CA PRO A 14 47.65 -1.46 32.69
C PRO A 14 47.62 -1.76 31.19
N GLN A 15 47.65 -3.04 30.86
CA GLN A 15 47.73 -3.52 29.48
C GLN A 15 46.43 -3.19 28.73
N ASP A 16 45.29 -3.50 29.35
CA ASP A 16 43.98 -3.31 28.73
C ASP A 16 43.53 -1.87 28.76
N LEU A 17 43.03 -1.38 27.63
CA LEU A 17 42.60 0.02 27.50
C LEU A 17 41.61 0.41 28.60
N SER A 18 40.63 -0.46 28.81
CA SER A 18 39.59 -0.18 29.77
C SER A 18 40.17 0.05 31.17
N GLU A 19 41.13 -0.78 31.57
CA GLU A 19 41.74 -0.65 32.88
C GLU A 19 42.59 0.62 32.93
N ALA A 20 43.29 0.90 31.83
CA ALA A 20 44.20 2.04 31.75
C ALA A 20 43.43 3.34 31.86
N LEU A 21 42.26 3.36 31.22
CA LEU A 21 41.34 4.50 31.29
C LEU A 21 40.78 4.68 32.69
N LYS A 22 40.36 3.56 33.28
CA LYS A 22 39.77 3.61 34.60
C LYS A 22 40.75 4.26 35.55
N GLU A 23 41.96 3.72 35.59
CA GLU A 23 42.98 4.15 36.55
C GLU A 23 43.51 5.57 36.21
N ALA A 24 43.77 5.83 34.94
CA ALA A 24 44.30 7.14 34.51
C ALA A 24 43.38 8.31 34.84
N THR A 25 42.08 8.06 34.87
CA THR A 25 41.09 9.13 35.07
C THR A 25 40.51 9.18 36.47
N LYS A 26 40.99 8.32 37.36
CA LYS A 26 40.42 8.20 38.70
C LYS A 26 40.42 9.53 39.42
N GLU A 27 41.50 10.30 39.23
CA GLU A 27 41.61 11.60 39.85
C GLU A 27 40.45 12.50 39.37
N VAL A 28 40.39 12.74 38.05
CA VAL A 28 39.39 13.63 37.47
C VAL A 28 37.95 13.15 37.68
N ARG A 29 37.75 11.84 37.69
CA ARG A 29 36.42 11.29 37.96
C ARG A 29 35.92 11.63 39.37
N THR A 30 36.80 11.53 40.36
CA THR A 30 36.45 11.91 41.72
C THR A 30 36.16 13.40 41.78
N GLN A 31 37.06 14.20 41.20
CA GLN A 31 36.88 15.64 41.08
C GLN A 31 35.53 15.95 40.42
N ALA A 32 35.20 15.17 39.38
CA ALA A 32 33.93 15.31 38.66
C ALA A 32 32.74 14.94 39.51
N GLU A 33 32.84 13.86 40.26
CA GLU A 33 31.75 13.43 41.17
C GLU A 33 31.74 14.26 42.45
N ASN A 34 32.85 14.88 42.78
CA ASN A 34 32.81 15.78 43.91
C ASN A 34 32.60 17.27 43.57
N ALA A 35 32.33 17.57 42.30
CA ALA A 35 31.90 18.91 41.95
C ALA A 35 30.69 19.26 42.78
N GLU A 36 30.57 20.53 43.16
CA GLU A 36 29.52 20.93 44.08
C GLU A 36 28.13 20.49 43.59
N PHE A 37 27.80 20.85 42.35
CA PHE A 37 26.52 20.50 41.77
C PHE A 37 26.21 19.02 41.99
N MET A 38 27.15 18.16 41.58
CA MET A 38 27.01 16.71 41.77
C MET A 38 26.97 16.30 43.23
N ARG A 39 27.84 16.88 44.06
CA ARG A 39 27.77 16.61 45.50
C ARG A 39 26.36 16.83 46.02
N ASN A 40 25.78 17.99 45.70
CA ASN A 40 24.43 18.32 46.14
C ASN A 40 23.40 17.38 45.53
N PHE A 41 23.64 16.97 44.29
CA PHE A 41 22.82 15.95 43.65
C PHE A 41 22.83 14.68 44.52
N GLN A 42 24.02 14.16 44.81
CA GLN A 42 24.18 12.92 45.60
C GLN A 42 23.51 13.02 46.96
N LYS A 43 23.79 14.09 47.69
CA LYS A 43 23.18 14.36 48.99
C LYS A 43 21.65 14.63 48.91
N GLY A 44 21.08 14.57 47.71
CA GLY A 44 19.66 14.72 47.53
C GLY A 44 19.18 16.15 47.25
N GLN A 45 20.07 17.14 47.36
CA GLN A 45 19.72 18.55 47.10
C GLN A 45 19.83 18.92 45.62
N VAL A 46 18.70 18.92 44.92
CA VAL A 46 18.66 19.29 43.50
C VAL A 46 17.30 19.89 43.17
N THR A 47 17.28 20.99 42.43
CA THR A 47 16.06 21.73 42.16
C THR A 47 15.57 21.42 40.75
N ARG A 48 14.35 21.83 40.45
CA ARG A 48 13.81 21.65 39.11
C ARG A 48 14.62 22.42 38.07
N ASP A 49 14.88 23.69 38.34
CA ASP A 49 15.67 24.48 37.41
C ASP A 49 17.03 23.84 37.18
N GLY A 50 17.62 23.33 38.26
CA GLY A 50 18.90 22.61 38.18
C GLY A 50 18.81 21.40 37.28
N PHE A 51 17.79 20.58 37.54
CA PHE A 51 17.59 19.37 36.75
C PHE A 51 17.36 19.71 35.27
N LYS A 52 16.45 20.64 35.02
CA LYS A 52 16.20 21.11 33.66
C LYS A 52 17.50 21.50 32.92
N LEU A 53 18.44 22.07 33.65
CA LEU A 53 19.70 22.47 33.07
C LEU A 53 20.57 21.30 32.64
N VAL A 54 20.77 20.32 33.52
CA VAL A 54 21.61 19.16 33.17
C VAL A 54 21.00 18.39 32.00
N MET A 55 19.68 18.23 32.04
CA MET A 55 19.01 17.52 30.99
C MET A 55 19.24 18.22 29.65
N ALA A 56 19.14 19.54 29.66
CA ALA A 56 19.42 20.35 28.47
C ALA A 56 20.86 20.16 27.99
N SER A 57 21.78 20.09 28.93
CA SER A 57 23.18 19.84 28.62
C SER A 57 23.39 18.47 27.99
N LEU A 58 22.78 17.46 28.62
CA LEU A 58 22.91 16.10 28.12
C LEU A 58 22.42 16.00 26.69
N TYR A 59 21.34 16.70 26.39
CA TYR A 59 20.80 16.74 25.04
C TYR A 59 21.83 17.25 24.03
N HIS A 60 22.37 18.43 24.30
CA HIS A 60 23.35 19.04 23.42
C HIS A 60 24.56 18.16 23.22
N ILE A 61 24.96 17.53 24.32
CA ILE A 61 26.13 16.67 24.32
C ILE A 61 25.86 15.41 23.52
N TYR A 62 24.84 14.67 23.93
CA TYR A 62 24.47 13.44 23.24
C TYR A 62 24.07 13.65 21.78
N VAL A 63 23.53 14.82 21.43
CA VAL A 63 23.28 15.08 20.02
C VAL A 63 24.61 15.09 19.25
N ALA A 64 25.59 15.82 19.79
CA ALA A 64 26.90 15.99 19.15
C ALA A 64 27.68 14.68 19.09
N LEU A 65 27.67 13.96 20.20
CA LEU A 65 28.36 12.70 20.29
C LEU A 65 27.81 11.70 19.30
N GLU A 66 26.48 11.58 19.24
CA GLU A 66 25.86 10.56 18.41
C GLU A 66 25.90 10.93 16.94
N GLU A 67 25.91 12.23 16.67
CA GLU A 67 26.09 12.75 15.32
C GLU A 67 27.44 12.26 14.79
N GLU A 68 28.47 12.39 15.62
CA GLU A 68 29.84 12.01 15.25
C GLU A 68 30.06 10.51 15.28
N ILE A 69 29.31 9.81 16.13
CA ILE A 69 29.39 8.36 16.12
C ILE A 69 28.89 7.88 14.76
N GLU A 70 27.72 8.37 14.35
CA GLU A 70 27.17 8.03 13.04
C GLU A 70 28.13 8.33 11.89
N ARG A 71 28.84 9.45 11.98
CA ARG A 71 29.82 9.80 10.96
C ARG A 71 30.88 8.70 10.84
N ASN A 72 31.32 8.14 11.97
CA ASN A 72 32.49 7.24 11.98
C ASN A 72 32.21 5.80 12.38
N LYS A 73 30.96 5.36 12.27
CA LYS A 73 30.58 4.00 12.71
C LYS A 73 31.23 2.87 11.90
N GLU A 74 31.55 3.13 10.64
CA GLU A 74 32.19 2.14 9.80
C GLU A 74 33.71 2.16 9.88
N SER A 75 34.29 3.18 10.52
CA SER A 75 35.74 3.23 10.67
C SER A 75 36.24 2.17 11.64
N PRO A 76 37.40 1.56 11.33
CA PRO A 76 38.05 0.62 12.24
C PRO A 76 38.26 1.18 13.64
N VAL A 77 38.46 2.50 13.74
CA VAL A 77 38.80 3.12 15.04
C VAL A 77 37.60 3.28 15.98
N PHE A 78 36.40 3.01 15.47
CA PHE A 78 35.20 3.03 16.31
C PHE A 78 34.27 1.81 16.16
N ALA A 79 34.15 1.29 14.95
CA ALA A 79 33.14 0.25 14.65
C ALA A 79 32.96 -0.79 15.74
N PRO A 80 34.05 -1.30 16.32
CA PRO A 80 33.90 -2.31 17.36
C PRO A 80 33.10 -1.91 18.62
N VAL A 81 32.96 -0.60 18.90
CA VAL A 81 32.20 -0.14 20.08
C VAL A 81 30.92 0.60 19.68
N TYR A 82 30.50 0.38 18.44
CA TYR A 82 29.24 0.91 17.94
C TYR A 82 28.04 0.02 18.36
N PHE A 83 27.24 0.51 19.31
CA PHE A 83 26.06 -0.22 19.78
C PHE A 83 24.85 0.70 19.79
N PRO A 84 24.38 1.08 18.59
CA PRO A 84 23.33 2.09 18.45
C PRO A 84 22.10 1.77 19.24
N GLU A 85 21.50 0.60 19.01
CA GLU A 85 20.24 0.27 19.66
C GLU A 85 20.38 0.24 21.17
N GLU A 86 21.52 -0.21 21.65
CA GLU A 86 21.68 -0.42 23.07
C GLU A 86 21.91 0.90 23.83
N LEU A 87 22.60 1.84 23.19
CA LEU A 87 23.06 3.03 23.90
C LEU A 87 22.41 4.36 23.54
N HIS A 88 21.99 4.55 22.30
CA HIS A 88 21.53 5.86 21.85
C HIS A 88 20.59 6.57 22.85
N ARG A 89 20.94 7.80 23.17
CA ARG A 89 20.23 8.62 24.14
C ARG A 89 19.49 9.82 23.57
N LYS A 90 19.84 10.23 22.35
CA LYS A 90 19.20 11.39 21.76
C LYS A 90 17.69 11.34 21.96
N ALA A 91 17.08 10.25 21.53
CA ALA A 91 15.62 10.16 21.51
C ALA A 91 15.03 10.31 22.89
N ALA A 92 15.57 9.58 23.85
CA ALA A 92 15.04 9.64 25.21
C ALA A 92 15.18 11.03 25.76
N LEU A 93 16.26 11.70 25.38
CA LEU A 93 16.44 13.07 25.84
C LEU A 93 15.37 13.95 25.24
N GLU A 94 15.10 13.78 23.94
CA GLU A 94 14.00 14.48 23.30
C GLU A 94 12.70 14.26 24.06
N GLN A 95 12.37 13.01 24.38
CA GLN A 95 11.16 12.72 25.13
C GLN A 95 11.13 13.53 26.43
N ASP A 96 12.25 13.49 27.14
CA ASP A 96 12.33 14.12 28.46
C ASP A 96 12.23 15.63 28.40
N LEU A 97 12.96 16.25 27.50
CA LEU A 97 12.90 17.71 27.34
C LEU A 97 11.48 18.19 26.96
N ALA A 98 10.82 17.46 26.06
CA ALA A 98 9.44 17.77 25.73
C ALA A 98 8.65 17.89 27.02
N PHE A 99 8.82 16.94 27.93
CA PHE A 99 8.16 17.02 29.22
C PHE A 99 8.65 18.22 30.00
N TRP A 100 9.95 18.32 30.25
CA TRP A 100 10.45 19.36 31.15
C TRP A 100 10.25 20.77 30.63
N TYR A 101 10.37 20.95 29.32
CA TYR A 101 10.35 22.30 28.74
C TYR A 101 9.11 22.56 27.87
N GLY A 102 8.22 21.59 27.73
CA GLY A 102 7.03 21.75 26.87
C GLY A 102 7.29 21.49 25.40
N PRO A 103 6.23 21.57 24.58
CA PRO A 103 6.32 21.24 23.16
C PRO A 103 7.30 22.05 22.37
N ARG A 104 7.58 23.28 22.80
CA ARG A 104 8.57 24.09 22.11
C ARG A 104 9.93 24.10 22.82
N TRP A 105 10.24 23.02 23.55
CA TRP A 105 11.56 22.84 24.18
C TRP A 105 12.66 23.14 23.20
N GLN A 106 12.53 22.65 21.99
CA GLN A 106 13.53 22.90 20.97
C GLN A 106 14.02 24.32 20.99
N GLU A 107 13.08 25.26 21.02
CA GLU A 107 13.38 26.68 20.85
C GLU A 107 13.84 27.33 22.15
N VAL A 108 13.40 26.81 23.29
CA VAL A 108 13.59 27.50 24.57
C VAL A 108 14.63 26.91 25.54
N ILE A 109 15.35 25.87 25.14
CA ILE A 109 16.36 25.29 26.05
C ILE A 109 17.65 26.11 25.95
N PRO A 110 18.32 26.30 27.08
CA PRO A 110 19.59 27.05 27.05
C PRO A 110 20.69 26.33 26.28
N TYR A 111 21.69 27.09 25.85
CA TYR A 111 22.89 26.55 25.23
C TYR A 111 24.03 27.43 25.69
N THR A 112 24.43 27.21 26.94
CA THR A 112 25.44 28.02 27.59
C THR A 112 26.83 27.80 26.99
N PRO A 113 27.78 28.68 27.33
CA PRO A 113 29.15 28.50 26.83
C PRO A 113 29.84 27.17 27.18
N ALA A 114 29.58 26.62 28.37
CA ALA A 114 30.18 25.33 28.74
C ALA A 114 29.59 24.16 27.93
N MET A 115 28.33 24.28 27.54
CA MET A 115 27.72 23.31 26.66
C MET A 115 28.32 23.40 25.25
N GLN A 116 28.47 24.60 24.73
CA GLN A 116 29.12 24.82 23.44
C GLN A 116 30.54 24.26 23.43
N ARG A 117 31.26 24.51 24.50
CA ARG A 117 32.65 24.10 24.58
C ARG A 117 32.74 22.58 24.50
N TYR A 118 31.80 21.88 25.15
CA TYR A 118 31.72 20.40 25.12
C TYR A 118 31.29 19.94 23.72
N VAL A 119 30.25 20.54 23.21
CA VAL A 119 29.77 20.22 21.87
C VAL A 119 30.90 20.42 20.87
N LYS A 120 31.64 21.52 21.04
CA LYS A 120 32.69 21.89 20.11
C LYS A 120 33.76 20.81 20.08
N ARG A 121 34.21 20.39 21.25
CA ARG A 121 35.27 19.39 21.34
C ARG A 121 34.83 18.08 20.66
N LEU A 122 33.63 17.62 21.01
CA LEU A 122 33.07 16.42 20.39
C LEU A 122 33.13 16.47 18.86
N HIS A 123 32.73 17.58 18.27
CA HIS A 123 32.75 17.69 16.82
C HIS A 123 34.18 17.73 16.28
N GLU A 124 35.07 18.50 16.93
CA GLU A 124 36.45 18.56 16.45
C GLU A 124 37.05 17.15 16.50
N VAL A 125 36.71 16.37 17.53
CA VAL A 125 37.16 14.96 17.61
C VAL A 125 36.60 14.11 16.48
N GLY A 126 35.30 14.21 16.24
CA GLY A 126 34.67 13.38 15.25
C GLY A 126 35.15 13.69 13.85
N ARG A 127 35.42 14.96 13.59
CA ARG A 127 35.74 15.41 12.26
C ARG A 127 37.20 15.17 11.94
N THR A 128 38.09 15.35 12.93
CA THR A 128 39.54 15.35 12.67
C THR A 128 40.36 14.37 13.51
N GLU A 129 39.78 13.74 14.54
CA GLU A 129 40.49 12.75 15.33
C GLU A 129 39.59 11.59 15.73
N PRO A 130 38.87 11.00 14.78
CA PRO A 130 37.87 9.98 15.10
C PRO A 130 38.41 8.85 15.99
N GLU A 131 39.68 8.54 15.84
CA GLU A 131 40.34 7.60 16.72
C GLU A 131 40.16 7.87 18.22
N LEU A 132 39.97 9.13 18.62
CA LEU A 132 39.75 9.46 20.03
C LEU A 132 38.29 9.39 20.49
N LEU A 133 37.36 9.24 19.55
CA LEU A 133 35.92 9.31 19.86
C LEU A 133 35.50 8.34 20.99
N VAL A 134 36.08 7.14 20.95
CA VAL A 134 35.88 6.14 21.98
C VAL A 134 36.13 6.65 23.40
N ALA A 135 36.96 7.68 23.54
CA ALA A 135 37.22 8.26 24.87
C ALA A 135 35.95 8.87 25.42
N HIS A 136 35.28 9.62 24.57
CA HIS A 136 34.02 10.27 24.94
C HIS A 136 32.88 9.30 25.08
N ALA A 137 32.80 8.35 24.16
CA ALA A 137 31.79 7.31 24.20
C ALA A 137 31.89 6.58 25.53
N TYR A 138 33.08 6.12 25.85
CA TYR A 138 33.32 5.46 27.12
C TYR A 138 32.87 6.36 28.28
N THR A 139 33.47 7.53 28.36
CA THR A 139 33.19 8.49 29.43
C THR A 139 31.72 8.70 29.68
N ARG A 140 30.98 8.95 28.61
CA ARG A 140 29.55 9.26 28.72
C ARG A 140 28.68 8.05 28.96
N TYR A 141 28.72 7.10 28.02
CA TYR A 141 27.75 6.01 28.00
C TYR A 141 27.95 5.10 29.19
N LEU A 142 29.16 4.62 29.38
CA LEU A 142 29.45 3.77 30.52
C LEU A 142 29.23 4.49 31.83
N GLY A 143 29.55 5.77 31.87
CA GLY A 143 29.34 6.54 33.07
C GLY A 143 27.87 6.58 33.42
N ASP A 144 27.08 7.05 32.48
CA ASP A 144 25.65 7.24 32.70
C ASP A 144 24.96 5.91 32.96
N LEU A 145 25.44 4.85 32.31
CA LEU A 145 24.94 3.52 32.55
C LEU A 145 25.20 3.09 34.02
N SER A 146 26.45 3.23 34.44
CA SER A 146 26.92 2.83 35.76
C SER A 146 26.37 3.70 36.90
N GLY A 147 26.26 5.00 36.68
CA GLY A 147 25.74 5.91 37.69
C GLY A 147 24.26 6.24 37.51
N GLY A 148 23.63 5.61 36.53
CA GLY A 148 22.22 5.82 36.27
C GLY A 148 21.67 4.85 37.30
N GLN A 149 20.37 4.89 37.51
CA GLN A 149 19.68 4.08 38.52
C GLN A 149 19.90 4.49 40.00
N VAL A 150 20.99 5.22 40.23
CA VAL A 150 21.34 5.81 41.51
C VAL A 150 20.88 7.27 41.44
N LEU A 151 21.36 7.96 40.41
CA LEU A 151 20.83 9.23 40.03
C LEU A 151 19.63 8.48 39.40
N LYS A 152 18.53 9.15 39.25
CA LYS A 152 17.26 8.55 38.88
C LYS A 152 16.53 8.49 40.19
N LYS A 153 16.89 7.54 41.05
CA LYS A 153 16.18 7.40 42.34
C LYS A 153 16.26 8.70 43.15
N ILE A 154 17.46 9.25 43.25
CA ILE A 154 17.63 10.54 43.88
C ILE A 154 16.66 11.56 43.29
N ALA A 155 16.63 11.61 41.95
CA ALA A 155 15.87 12.61 41.23
C ALA A 155 14.36 12.53 41.51
N GLN A 156 13.83 11.32 41.60
CA GLN A 156 12.39 11.15 41.83
C GLN A 156 11.97 11.46 43.28
N LYS A 157 12.81 11.10 44.24
CA LYS A 157 12.53 11.46 45.62
C LYS A 157 12.57 12.98 45.77
N ALA A 158 13.62 13.59 45.22
CA ALA A 158 13.84 15.02 45.36
C ALA A 158 12.84 15.89 44.59
N LEU A 159 12.66 15.60 43.32
CA LEU A 159 11.86 16.45 42.43
C LEU A 159 10.34 16.24 42.54
N ASP A 160 9.92 15.23 43.31
CA ASP A 160 8.52 15.13 43.73
C ASP A 160 7.59 15.28 42.51
N LEU A 161 7.86 14.49 41.46
CA LEU A 161 7.24 14.67 40.14
C LEU A 161 5.76 14.29 40.12
N PRO A 162 5.03 14.77 39.10
CA PRO A 162 3.66 14.27 38.88
C PRO A 162 3.68 12.87 38.31
N SER A 163 2.64 12.10 38.58
CA SER A 163 2.54 10.76 38.00
C SER A 163 2.12 10.85 36.53
N SER A 164 2.99 11.50 35.75
CA SER A 164 2.74 11.76 34.34
C SER A 164 3.44 10.77 33.43
N GLY A 165 4.28 9.90 34.00
CA GLY A 165 4.89 8.82 33.24
C GLY A 165 5.86 9.25 32.14
N GLU A 166 6.51 10.39 32.35
CA GLU A 166 7.59 10.83 31.49
C GLU A 166 8.47 11.82 32.25
N GLY A 167 9.67 12.04 31.74
CA GLY A 167 10.63 12.96 32.34
C GLY A 167 12.00 12.36 32.64
N LEU A 168 12.08 11.04 32.83
CA LEU A 168 13.32 10.36 33.26
C LEU A 168 13.71 9.20 32.39
N ALA A 169 13.28 9.23 31.14
CA ALA A 169 13.59 8.18 30.19
C ALA A 169 15.08 8.04 29.98
N PHE A 170 15.78 9.17 30.06
CA PHE A 170 17.22 9.16 29.89
C PHE A 170 17.92 8.14 30.78
N PHE A 171 17.40 7.93 31.98
CA PHE A 171 18.05 7.04 32.95
C PHE A 171 17.72 5.57 32.78
N THR A 172 17.12 5.21 31.64
CA THR A 172 16.79 3.83 31.31
C THR A 172 17.20 3.52 29.88
N PHE A 173 18.04 2.50 29.72
CA PHE A 173 18.44 2.02 28.41
C PHE A 173 17.61 0.78 28.15
N PRO A 174 16.45 0.93 27.51
CA PRO A 174 15.53 -0.19 27.40
C PRO A 174 16.09 -1.43 26.70
N ASN A 175 17.07 -1.23 25.82
CA ASN A 175 17.67 -2.33 25.07
C ASN A 175 18.92 -2.94 25.67
N ILE A 176 19.12 -2.75 26.96
CA ILE A 176 20.22 -3.39 27.67
C ILE A 176 19.59 -4.08 28.85
N ALA A 177 19.39 -5.39 28.71
CA ALA A 177 18.73 -6.19 29.74
C ALA A 177 19.54 -6.18 31.03
N SER A 178 20.85 -6.43 30.88
CA SER A 178 21.79 -6.46 32.00
C SER A 178 22.91 -5.46 31.77
N ALA A 179 23.04 -4.50 32.69
CA ALA A 179 24.12 -3.53 32.64
C ALA A 179 25.49 -4.22 32.70
N THR A 180 25.66 -5.05 33.72
CA THR A 180 26.94 -5.73 33.98
C THR A 180 27.41 -6.51 32.77
N LYS A 181 26.50 -7.25 32.14
CA LYS A 181 26.88 -7.98 30.94
C LYS A 181 27.31 -7.01 29.85
N PHE A 182 26.57 -5.92 29.71
CA PHE A 182 26.89 -4.98 28.66
C PHE A 182 28.20 -4.27 28.92
N LYS A 183 28.47 -3.87 30.16
CA LYS A 183 29.72 -3.18 30.46
C LYS A 183 30.91 -4.03 30.00
N GLN A 184 30.88 -5.32 30.37
CA GLN A 184 31.92 -6.30 29.98
C GLN A 184 32.11 -6.45 28.48
N LEU A 185 31.00 -6.65 27.79
CA LEU A 185 31.04 -6.67 26.36
C LEU A 185 31.65 -5.38 25.80
N TYR A 186 31.27 -4.23 26.37
CA TYR A 186 31.79 -2.96 25.87
C TYR A 186 33.30 -2.90 26.07
N ARG A 187 33.73 -3.15 27.31
CA ARG A 187 35.16 -3.20 27.64
C ARG A 187 35.94 -4.13 26.70
N SER A 188 35.41 -5.33 26.51
CA SER A 188 36.00 -6.30 25.61
C SER A 188 36.23 -5.65 24.26
N ARG A 189 35.23 -4.96 23.76
CA ARG A 189 35.33 -4.37 22.44
C ARG A 189 36.33 -3.26 22.44
N MET A 190 36.31 -2.45 23.50
CA MET A 190 37.29 -1.36 23.63
C MET A 190 38.71 -1.89 23.53
N ASN A 191 38.96 -2.97 24.28
CA ASN A 191 40.29 -3.57 24.38
C ASN A 191 40.69 -4.28 23.09
N SER A 192 39.69 -4.68 22.31
CA SER A 192 39.93 -5.24 20.97
C SER A 192 40.51 -4.19 20.02
N LEU A 193 40.15 -2.92 20.22
CA LEU A 193 40.64 -1.86 19.33
C LEU A 193 42.14 -1.80 19.29
N GLU A 194 42.68 -1.95 18.09
CA GLU A 194 44.13 -1.90 17.87
C GLU A 194 44.53 -0.47 17.62
N MET A 195 45.56 0.00 18.33
CA MET A 195 46.04 1.36 18.17
C MET A 195 47.51 1.44 18.57
N THR A 196 48.23 2.40 18.00
CA THR A 196 49.62 2.63 18.38
C THR A 196 49.70 3.22 19.78
N PRO A 197 50.88 3.13 20.43
CA PRO A 197 51.05 3.77 21.75
C PRO A 197 50.81 5.29 21.71
N ALA A 198 51.15 5.90 20.57
CA ALA A 198 50.93 7.31 20.36
C ALA A 198 49.46 7.64 20.58
N VAL A 199 48.61 6.93 19.84
CA VAL A 199 47.17 7.10 19.88
C VAL A 199 46.64 6.74 21.27
N ARG A 200 47.06 5.59 21.79
CA ARG A 200 46.59 5.14 23.10
C ARG A 200 46.73 6.20 24.19
N GLN A 201 47.84 6.90 24.22
CA GLN A 201 48.00 7.97 25.20
C GLN A 201 47.08 9.14 24.88
N ARG A 202 46.93 9.45 23.60
CA ARG A 202 46.04 10.54 23.18
C ARG A 202 44.62 10.27 23.65
N VAL A 203 44.20 9.01 23.51
CA VAL A 203 42.90 8.54 23.96
C VAL A 203 42.75 8.68 25.46
N ILE A 204 43.79 8.30 26.19
CA ILE A 204 43.78 8.43 27.65
C ILE A 204 43.66 9.90 28.06
N GLU A 205 44.30 10.78 27.31
CA GLU A 205 44.24 12.22 27.59
C GLU A 205 42.87 12.78 27.24
N GLU A 206 42.32 12.33 26.11
CA GLU A 206 41.01 12.77 25.67
C GLU A 206 39.94 12.42 26.69
N ALA A 207 40.08 11.26 27.34
CA ALA A 207 39.17 10.87 28.39
C ALA A 207 39.25 11.81 29.59
N LYS A 208 40.47 12.20 29.97
CA LYS A 208 40.65 13.21 31.01
C LYS A 208 39.99 14.52 30.59
N THR A 209 40.25 14.91 29.34
CA THR A 209 39.60 16.08 28.73
C THR A 209 38.09 16.03 28.94
N ALA A 210 37.49 14.88 28.63
CA ALA A 210 36.06 14.71 28.69
C ALA A 210 35.58 14.97 30.10
N PHE A 211 36.25 14.40 31.08
CA PHE A 211 35.91 14.67 32.46
C PHE A 211 36.00 16.15 32.82
N LEU A 212 37.01 16.84 32.30
CA LEU A 212 37.18 18.26 32.58
C LEU A 212 36.01 19.05 32.00
N LEU A 213 35.74 18.81 30.72
CA LEU A 213 34.62 19.44 30.04
C LEU A 213 33.34 19.29 30.86
N ASN A 214 33.17 18.12 31.50
CA ASN A 214 32.05 17.92 32.42
C ASN A 214 32.21 18.78 33.65
N ILE A 215 33.38 18.72 34.27
CA ILE A 215 33.64 19.46 35.51
C ILE A 215 33.31 20.93 35.34
N GLN A 216 33.87 21.52 34.30
CA GLN A 216 33.65 22.95 34.07
C GLN A 216 32.16 23.25 33.81
N LEU A 217 31.47 22.31 33.18
CA LEU A 217 30.05 22.48 32.94
C LEU A 217 29.31 22.54 34.26
N PHE A 218 29.68 21.69 35.21
CA PHE A 218 29.00 21.69 36.49
C PHE A 218 29.27 22.97 37.25
N GLU A 219 30.51 23.45 37.19
CA GLU A 219 30.86 24.72 37.81
C GLU A 219 30.01 25.81 37.19
N GLU A 220 29.86 25.79 35.87
CA GLU A 220 29.04 26.78 35.18
C GLU A 220 27.57 26.71 35.64
N LEU A 221 27.00 25.52 35.68
CA LEU A 221 25.59 25.38 36.05
C LEU A 221 25.37 25.83 37.48
N GLN A 222 26.27 25.44 38.37
CA GLN A 222 26.19 25.82 39.76
C GLN A 222 26.23 27.34 39.89
N GLU A 223 27.09 27.97 39.10
CA GLU A 223 27.20 29.43 39.10
C GLU A 223 25.87 30.04 38.70
N LEU A 224 25.27 29.53 37.63
CA LEU A 224 24.00 30.06 37.13
C LEU A 224 22.93 29.91 38.19
N LEU A 225 22.86 28.75 38.79
CA LEU A 225 21.80 28.46 39.76
C LEU A 225 21.89 29.30 41.03
N THR A 226 23.07 29.80 41.36
CA THR A 226 23.21 30.73 42.48
C THR A 226 23.42 32.14 41.92
N HIS A 227 22.33 32.89 41.80
CA HIS A 227 22.42 34.26 41.28
C HIS A 227 21.18 35.08 41.58
N PRO B 14 -14.44 11.79 -1.87
CA PRO B 14 -13.91 13.09 -2.22
C PRO B 14 -12.63 13.02 -3.05
N GLN B 15 -12.23 14.19 -3.56
CA GLN B 15 -11.08 14.32 -4.44
C GLN B 15 -9.77 13.99 -3.70
N ASP B 16 -9.60 14.60 -2.52
CA ASP B 16 -8.37 14.46 -1.72
C ASP B 16 -8.31 13.13 -0.96
N LEU B 17 -7.15 12.46 -1.04
CA LEU B 17 -6.99 11.15 -0.41
C LEU B 17 -7.37 11.20 1.06
N SER B 18 -6.90 12.21 1.75
CA SER B 18 -7.13 12.34 3.18
C SER B 18 -8.62 12.37 3.50
N GLU B 19 -9.38 13.10 2.70
CA GLU B 19 -10.84 13.17 2.89
C GLU B 19 -11.51 11.87 2.55
N ALA B 20 -11.05 11.24 1.47
CA ALA B 20 -11.62 10.00 0.99
C ALA B 20 -11.41 8.89 2.00
N LEU B 21 -10.24 8.89 2.63
CA LEU B 21 -9.92 7.95 3.71
C LEU B 21 -10.78 8.21 4.93
N LYS B 22 -10.90 9.48 5.31
CA LYS B 22 -11.68 9.84 6.49
C LYS B 22 -13.10 9.30 6.34
N GLU B 23 -13.74 9.64 5.24
CA GLU B 23 -15.13 9.29 5.01
C GLU B 23 -15.32 7.79 4.74
N ALA B 24 -14.46 7.19 3.93
CA ALA B 24 -14.54 5.75 3.63
C ALA B 24 -14.44 4.83 4.86
N THR B 25 -13.70 5.28 5.87
CA THR B 25 -13.43 4.46 7.05
C THR B 25 -14.28 4.82 8.27
N LYS B 26 -15.20 5.77 8.11
CA LYS B 26 -15.97 6.28 9.24
C LYS B 26 -16.70 5.15 9.95
N GLU B 27 -17.22 4.20 9.19
CA GLU B 27 -17.93 3.07 9.74
C GLU B 27 -17.00 2.28 10.66
N VAL B 28 -15.91 1.77 10.10
CA VAL B 28 -14.97 0.95 10.86
C VAL B 28 -14.32 1.70 12.03
N ARG B 29 -14.08 3.00 11.86
CA ARG B 29 -13.48 3.78 12.93
C ARG B 29 -14.41 3.87 14.13
N THR B 30 -15.70 4.05 13.89
CA THR B 30 -16.69 4.08 14.98
C THR B 30 -16.73 2.70 15.64
N GLN B 31 -16.82 1.66 14.82
CA GLN B 31 -16.74 0.27 15.29
C GLN B 31 -15.47 0.04 16.14
N ALA B 32 -14.36 0.59 15.66
CA ALA B 32 -13.08 0.50 16.36
C ALA B 32 -13.10 1.23 17.68
N GLU B 33 -13.66 2.42 17.70
CA GLU B 33 -13.78 3.20 18.94
C GLU B 33 -14.95 2.70 19.83
N ASN B 34 -15.91 2.00 19.20
CA ASN B 34 -17.02 1.24 19.83
C ASN B 34 -16.55 0.01 20.56
N ALA B 35 -15.38 -0.52 20.20
CA ALA B 35 -14.97 -1.81 20.73
C ALA B 35 -14.99 -1.73 22.23
N GLU B 36 -15.39 -2.83 22.86
CA GLU B 36 -15.57 -2.82 24.31
C GLU B 36 -14.31 -2.30 25.03
N PHE B 37 -13.17 -2.90 24.73
CA PHE B 37 -11.92 -2.53 25.37
C PHE B 37 -11.74 -1.00 25.34
N MET B 38 -11.84 -0.42 24.15
CA MET B 38 -11.74 1.02 23.97
C MET B 38 -12.85 1.78 24.68
N ARG B 39 -14.09 1.32 24.58
CA ARG B 39 -15.20 1.94 25.32
C ARG B 39 -14.82 2.08 26.79
N ASN B 40 -14.38 0.96 27.37
CA ASN B 40 -14.00 0.95 28.78
C ASN B 40 -12.82 1.86 29.05
N PHE B 41 -11.89 1.92 28.11
CA PHE B 41 -10.77 2.85 28.19
C PHE B 41 -11.31 4.28 28.31
N GLN B 42 -12.15 4.69 27.35
CA GLN B 42 -12.70 6.06 27.30
C GLN B 42 -13.44 6.41 28.57
N LYS B 43 -14.35 5.54 28.99
CA LYS B 43 -15.14 5.75 30.19
C LYS B 43 -14.26 5.55 31.48
N GLY B 44 -12.94 5.39 31.32
CA GLY B 44 -12.00 5.43 32.45
C GLY B 44 -11.66 4.08 33.05
N GLN B 45 -12.39 3.02 32.66
CA GLN B 45 -12.16 1.67 33.18
C GLN B 45 -11.06 0.91 32.42
N VAL B 46 -9.85 0.91 32.98
CA VAL B 46 -8.71 0.20 32.37
C VAL B 46 -7.74 -0.27 33.46
N THR B 47 -7.28 -1.51 33.35
CA THR B 47 -6.44 -2.12 34.39
C THR B 47 -4.98 -2.11 33.97
N ARG B 48 -4.08 -2.42 34.91
CA ARG B 48 -2.66 -2.50 34.60
C ARG B 48 -2.39 -3.59 33.60
N ASP B 49 -2.92 -4.77 33.84
CA ASP B 49 -2.73 -5.86 32.89
C ASP B 49 -3.21 -5.48 31.51
N GLY B 50 -4.37 -4.81 31.47
CA GLY B 50 -4.94 -4.33 30.21
C GLY B 50 -4.01 -3.37 29.51
N PHE B 51 -3.53 -2.39 30.25
CA PHE B 51 -2.62 -1.40 29.70
C PHE B 51 -1.34 -2.06 29.21
N LYS B 52 -0.74 -2.89 30.06
CA LYS B 52 0.45 -3.65 29.66
C LYS B 52 0.27 -4.39 28.32
N LEU B 53 -0.94 -4.88 28.09
CA LEU B 53 -1.24 -5.58 26.85
C LEU B 53 -1.24 -4.70 25.62
N VAL B 54 -1.94 -3.56 25.67
CA VAL B 54 -1.95 -2.67 24.48
C VAL B 54 -0.54 -2.15 24.20
N MET B 55 0.19 -1.80 25.26
CA MET B 55 1.53 -1.28 25.07
C MET B 55 2.41 -2.31 24.38
N ALA B 56 2.29 -3.55 24.80
CA ALA B 56 2.97 -4.65 24.14
C ALA B 56 2.56 -4.78 22.67
N SER B 57 1.27 -4.63 22.40
CA SER B 57 0.76 -4.68 21.04
C SER B 57 1.34 -3.56 20.20
N LEU B 58 1.30 -2.35 20.74
CA LEU B 58 1.80 -1.19 20.02
C LEU B 58 3.25 -1.38 19.64
N TYR B 59 4.03 -1.98 20.55
CA TYR B 59 5.43 -2.30 20.27
C TYR B 59 5.58 -3.18 19.04
N HIS B 60 4.90 -4.32 19.05
CA HIS B 60 4.96 -5.28 17.95
C HIS B 60 4.53 -4.67 16.64
N ILE B 61 3.49 -3.85 16.73
CA ILE B 61 2.95 -3.18 15.57
C ILE B 61 3.94 -2.14 15.05
N TYR B 62 4.28 -1.18 15.90
CA TYR B 62 5.18 -0.11 15.50
C TYR B 62 6.57 -0.61 15.09
N VAL B 63 7.03 -1.73 15.66
CA VAL B 63 8.28 -2.31 15.18
C VAL B 63 8.15 -2.73 13.72
N ALA B 64 7.07 -3.43 13.40
CA ALA B 64 6.82 -3.92 12.05
C ALA B 64 6.60 -2.79 11.06
N LEU B 65 5.79 -1.82 11.46
CA LEU B 65 5.45 -0.69 10.61
C LEU B 65 6.69 0.11 10.27
N GLU B 66 7.52 0.37 11.26
CA GLU B 66 8.68 1.23 11.06
C GLU B 66 9.79 0.51 10.35
N GLU B 67 9.83 -0.80 10.53
CA GLU B 67 10.75 -1.67 9.79
C GLU B 67 10.49 -1.55 8.29
N GLU B 68 9.20 -1.62 7.94
CA GLU B 68 8.77 -1.53 6.54
C GLU B 68 8.81 -0.13 6.00
N ILE B 69 8.65 0.87 6.86
CA ILE B 69 8.80 2.25 6.40
C ILE B 69 10.23 2.43 5.96
N GLU B 70 11.17 2.03 6.81
CA GLU B 70 12.60 2.12 6.47
C GLU B 70 12.95 1.40 5.17
N ARG B 71 12.34 0.24 4.95
CA ARG B 71 12.55 -0.48 3.70
C ARG B 71 12.16 0.38 2.49
N ASN B 72 11.07 1.14 2.58
CA ASN B 72 10.50 1.83 1.41
C ASN B 72 10.51 3.36 1.46
N LYS B 73 11.37 3.94 2.30
CA LYS B 73 11.39 5.40 2.48
C LYS B 73 11.80 6.19 1.23
N GLU B 74 12.59 5.57 0.37
CA GLU B 74 13.04 6.22 -0.86
C GLU B 74 12.09 6.01 -2.01
N SER B 75 11.12 5.12 -1.88
CA SER B 75 10.18 4.89 -2.96
C SER B 75 9.26 6.09 -3.12
N PRO B 76 8.91 6.42 -4.36
CA PRO B 76 7.91 7.45 -4.64
C PRO B 76 6.58 7.22 -3.95
N VAL B 77 6.21 5.96 -3.70
CA VAL B 77 4.90 5.65 -3.12
C VAL B 77 4.81 5.88 -1.61
N PHE B 78 5.93 6.20 -0.98
CA PHE B 78 5.95 6.57 0.44
C PHE B 78 6.75 7.83 0.79
N ALA B 79 7.87 8.07 0.11
CA ALA B 79 8.82 9.13 0.48
C ALA B 79 8.18 10.44 0.93
N PRO B 80 7.15 10.93 0.21
CA PRO B 80 6.50 12.16 0.63
C PRO B 80 5.85 12.19 2.04
N VAL B 81 5.54 11.04 2.63
CA VAL B 81 4.98 10.99 4.01
C VAL B 81 5.96 10.38 5.04
N TYR B 82 7.24 10.33 4.67
CA TYR B 82 8.30 9.87 5.55
C TYR B 82 8.76 10.99 6.51
N PHE B 83 8.38 10.89 7.78
CA PHE B 83 8.76 11.86 8.79
C PHE B 83 9.33 11.15 10.01
N PRO B 84 10.51 10.54 9.84
CA PRO B 84 11.12 9.72 10.87
C PRO B 84 11.22 10.42 12.20
N GLU B 85 11.89 11.56 12.25
CA GLU B 85 12.13 12.22 13.53
C GLU B 85 10.85 12.58 14.22
N GLU B 86 9.85 12.97 13.45
CA GLU B 86 8.64 13.53 14.03
C GLU B 86 7.73 12.42 14.60
N LEU B 87 7.74 11.25 13.96
CA LEU B 87 6.75 10.22 14.27
C LEU B 87 7.25 8.97 14.94
N HIS B 88 8.49 8.58 14.68
CA HIS B 88 8.96 7.28 15.14
C HIS B 88 8.58 6.97 16.62
N ARG B 89 7.96 5.79 16.81
CA ARG B 89 7.49 5.35 18.12
C ARG B 89 8.25 4.18 18.74
N LYS B 90 9.00 3.44 17.93
CA LYS B 90 9.68 2.26 18.43
C LYS B 90 10.42 2.53 19.72
N ALA B 91 11.27 3.55 19.70
CA ALA B 91 12.12 3.84 20.83
C ALA B 91 11.32 4.14 22.10
N ALA B 92 10.33 5.02 21.99
CA ALA B 92 9.50 5.38 23.15
C ALA B 92 8.80 4.16 23.70
N LEU B 93 8.38 3.26 22.80
CA LEU B 93 7.74 2.06 23.25
C LEU B 93 8.74 1.24 24.02
N GLU B 94 9.96 1.12 23.52
CA GLU B 94 11.02 0.42 24.23
C GLU B 94 11.18 1.00 25.63
N GLN B 95 11.25 2.32 25.75
CA GLN B 95 11.39 2.96 27.06
C GLN B 95 10.25 2.54 27.99
N ASP B 96 9.03 2.59 27.46
CA ASP B 96 7.83 2.30 28.24
C ASP B 96 7.76 0.85 28.68
N LEU B 97 7.98 -0.07 27.76
CA LEU B 97 7.96 -1.48 28.11
C LEU B 97 8.99 -1.85 29.18
N ALA B 98 10.18 -1.26 29.07
CA ALA B 98 11.20 -1.45 30.10
C ALA B 98 10.59 -1.13 31.45
N PHE B 99 9.89 -0.01 31.54
CA PHE B 99 9.21 0.34 32.76
C PHE B 99 8.14 -0.68 33.09
N TRP B 100 7.19 -0.90 32.19
CA TRP B 100 6.02 -1.74 32.53
C TRP B 100 6.37 -3.20 32.77
N TYR B 101 7.33 -3.73 32.04
CA TYR B 101 7.63 -5.15 32.11
C TYR B 101 8.99 -5.46 32.77
N GLY B 102 9.72 -4.43 33.20
CA GLY B 102 11.05 -4.64 33.76
C GLY B 102 12.15 -4.82 32.72
N PRO B 103 13.41 -4.94 33.18
CA PRO B 103 14.55 -4.99 32.27
C PRO B 103 14.51 -6.11 31.26
N ARG B 104 13.84 -7.20 31.57
CA ARG B 104 13.75 -8.32 30.63
C ARG B 104 12.40 -8.34 29.90
N TRP B 105 11.79 -7.17 29.74
CA TRP B 105 10.59 -7.03 28.94
C TRP B 105 10.72 -7.74 27.60
N GLN B 106 11.87 -7.57 26.95
CA GLN B 106 12.16 -8.22 25.68
C GLN B 106 11.66 -9.64 25.65
N GLU B 107 11.98 -10.39 26.71
CA GLU B 107 11.74 -11.82 26.77
C GLU B 107 10.34 -12.18 27.24
N VAL B 108 9.72 -11.32 28.05
CA VAL B 108 8.46 -11.65 28.73
C VAL B 108 7.18 -11.00 28.21
N ILE B 109 7.24 -10.20 27.14
CA ILE B 109 6.02 -9.57 26.62
C ILE B 109 5.26 -10.54 25.73
N PRO B 110 3.94 -10.53 25.83
CA PRO B 110 3.14 -11.44 25.01
C PRO B 110 3.23 -11.12 23.52
N TYR B 111 2.92 -12.09 22.68
CA TYR B 111 2.82 -11.92 21.25
C TYR B 111 1.69 -12.80 20.79
N THR B 112 0.48 -12.35 21.06
CA THR B 112 -0.72 -13.14 20.82
C THR B 112 -0.98 -13.27 19.32
N PRO B 113 -1.92 -14.16 18.96
CA PRO B 113 -2.27 -14.30 17.54
C PRO B 113 -2.77 -13.02 16.84
N ALA B 114 -3.50 -12.15 17.54
CA ALA B 114 -4.01 -10.94 16.89
C ALA B 114 -2.89 -9.93 16.64
N MET B 115 -1.87 -9.96 17.49
CA MET B 115 -0.69 -9.17 17.27
C MET B 115 0.11 -9.70 16.05
N GLN B 116 0.31 -11.01 15.98
CA GLN B 116 0.97 -11.66 14.82
C GLN B 116 0.22 -11.34 13.53
N ARG B 117 -1.10 -11.41 13.57
CA ARG B 117 -1.90 -11.17 12.38
C ARG B 117 -1.69 -9.75 11.88
N TYR B 118 -1.60 -8.78 12.80
CA TYR B 118 -1.34 -7.38 12.46
C TYR B 118 0.09 -7.23 11.95
N VAL B 119 1.04 -7.78 12.68
CA VAL B 119 2.44 -7.73 12.28
C VAL B 119 2.62 -8.35 10.89
N LYS B 120 1.93 -9.47 10.67
CA LYS B 120 2.04 -10.18 9.44
C LYS B 120 1.57 -9.31 8.29
N ARG B 121 0.40 -8.69 8.43
CA ARG B 121 -0.14 -7.87 7.34
C ARG B 121 0.83 -6.76 6.99
N LEU B 122 1.31 -6.05 8.03
CA LEU B 122 2.26 -4.95 7.84
C LEU B 122 3.45 -5.37 6.99
N HIS B 123 4.02 -6.55 7.28
CA HIS B 123 5.17 -7.02 6.53
C HIS B 123 4.78 -7.41 5.11
N GLU B 124 3.65 -8.09 4.95
CA GLU B 124 3.16 -8.40 3.60
C GLU B 124 3.00 -7.15 2.76
N VAL B 125 2.46 -6.10 3.36
CA VAL B 125 2.31 -4.82 2.67
C VAL B 125 3.65 -4.21 2.29
N GLY B 126 4.56 -4.17 3.25
CA GLY B 126 5.85 -3.54 3.01
C GLY B 126 6.66 -4.26 1.96
N ARG B 127 6.55 -5.59 1.94
CA ARG B 127 7.38 -6.42 1.09
C ARG B 127 6.84 -6.49 -0.31
N THR B 128 5.52 -6.54 -0.45
CA THR B 128 4.90 -6.81 -1.75
C THR B 128 3.88 -5.78 -2.24
N GLU B 129 3.46 -4.84 -1.40
CA GLU B 129 2.53 -3.78 -1.82
C GLU B 129 2.86 -2.44 -1.17
N PRO B 130 4.14 -2.03 -1.24
CA PRO B 130 4.56 -0.80 -0.54
C PRO B 130 3.66 0.40 -0.78
N GLU B 131 3.08 0.48 -1.98
CA GLU B 131 2.12 1.53 -2.31
C GLU B 131 0.98 1.67 -1.29
N LEU B 132 0.61 0.60 -0.61
CA LEU B 132 -0.45 0.67 0.42
C LEU B 132 0.03 1.07 1.82
N LEU B 133 1.34 1.12 2.04
CA LEU B 133 1.89 1.34 3.37
C LEU B 133 1.35 2.61 4.04
N VAL B 134 1.21 3.66 3.24
CA VAL B 134 0.60 4.92 3.68
C VAL B 134 -0.77 4.75 4.36
N ALA B 135 -1.49 3.68 4.05
CA ALA B 135 -2.78 3.42 4.69
C ALA B 135 -2.55 3.16 6.16
N HIS B 136 -1.57 2.32 6.45
CA HIS B 136 -1.25 1.98 7.81
C HIS B 136 -0.59 3.12 8.56
N ALA B 137 0.32 3.82 7.89
CA ALA B 137 0.98 4.96 8.47
C ALA B 137 -0.06 5.97 8.89
N TYR B 138 -0.96 6.31 7.98
CA TYR B 138 -2.04 7.24 8.29
C TYR B 138 -2.84 6.75 9.50
N THR B 139 -3.41 5.56 9.37
CA THR B 139 -4.23 4.95 10.41
C THR B 139 -3.60 5.05 11.78
N ARG B 140 -2.34 4.62 11.88
CA ARG B 140 -1.65 4.55 13.17
C ARG B 140 -1.18 5.90 13.70
N TYR B 141 -0.33 6.58 12.92
CA TYR B 141 0.37 7.74 13.40
C TYR B 141 -0.61 8.87 13.65
N LEU B 142 -1.38 9.20 12.64
CA LEU B 142 -2.36 10.26 12.81
C LEU B 142 -3.39 9.95 13.86
N GLY B 143 -3.79 8.68 13.95
CA GLY B 143 -4.71 8.28 14.98
C GLY B 143 -4.16 8.54 16.37
N ASP B 144 -3.01 7.95 16.62
CA ASP B 144 -2.39 8.04 17.94
C ASP B 144 -2.04 9.47 18.27
N LEU B 145 -1.67 10.25 17.28
CA LEU B 145 -1.38 11.66 17.47
C LEU B 145 -2.63 12.40 17.95
N SER B 146 -3.72 12.23 17.20
CA SER B 146 -4.97 12.94 17.49
C SER B 146 -5.70 12.42 18.73
N GLY B 147 -5.63 11.12 19.01
CA GLY B 147 -6.24 10.57 20.22
C GLY B 147 -5.32 10.43 21.42
N GLY B 148 -4.07 10.86 21.26
CA GLY B 148 -3.06 10.66 22.31
C GLY B 148 -3.21 11.34 23.65
N GLN B 149 -3.15 12.66 23.66
CA GLN B 149 -3.13 13.44 24.94
C GLN B 149 -4.35 13.12 25.84
N VAL B 150 -5.31 12.41 25.29
CA VAL B 150 -6.59 12.13 25.92
C VAL B 150 -6.51 10.78 26.59
N LEU B 151 -6.07 9.82 25.81
CA LEU B 151 -5.79 8.50 26.35
C LEU B 151 -4.75 8.52 27.46
N LYS B 152 -3.72 9.33 27.25
CA LYS B 152 -2.70 9.61 28.25
C LYS B 152 -3.33 10.02 29.57
N LYS B 153 -4.12 11.11 29.54
CA LYS B 153 -4.75 11.61 30.76
C LYS B 153 -5.61 10.54 31.44
N ILE B 154 -6.46 9.89 30.65
CA ILE B 154 -7.25 8.77 31.17
C ILE B 154 -6.36 7.79 31.91
N ALA B 155 -5.27 7.42 31.25
CA ALA B 155 -4.38 6.39 31.76
C ALA B 155 -3.75 6.74 33.10
N GLN B 156 -3.36 7.99 33.27
CA GLN B 156 -2.70 8.39 34.51
C GLN B 156 -3.68 8.49 35.69
N LYS B 157 -4.90 8.96 35.45
CA LYS B 157 -5.86 9.04 36.52
C LYS B 157 -6.22 7.63 36.92
N ALA B 158 -6.46 6.76 35.93
CA ALA B 158 -6.92 5.39 36.17
C ALA B 158 -5.84 4.49 36.80
N LEU B 159 -4.66 4.47 36.22
CA LEU B 159 -3.59 3.55 36.62
C LEU B 159 -2.81 3.98 37.87
N ASP B 160 -3.06 5.19 38.36
CA ASP B 160 -2.54 5.63 39.67
C ASP B 160 -1.09 5.28 39.82
N LEU B 161 -0.29 5.68 38.84
CA LEU B 161 1.07 5.15 38.75
C LEU B 161 2.05 5.88 39.68
N PRO B 162 3.26 5.32 39.87
CA PRO B 162 4.27 5.97 40.73
C PRO B 162 4.87 7.18 40.03
N SER B 163 5.31 8.17 40.81
CA SER B 163 6.00 9.31 40.20
C SER B 163 7.43 8.93 39.84
N SER B 164 7.53 7.98 38.91
CA SER B 164 8.81 7.43 38.47
C SER B 164 9.29 8.04 37.16
N GLY B 165 8.44 8.88 36.54
CA GLY B 165 8.86 9.66 35.37
C GLY B 165 9.16 8.83 34.13
N GLU B 166 8.49 7.69 34.01
CA GLU B 166 8.52 6.89 32.80
C GLU B 166 7.28 6.00 32.74
N GLY B 167 6.98 5.49 31.55
CA GLY B 167 5.82 4.62 31.35
C GLY B 167 4.89 5.08 30.26
N LEU B 168 4.85 6.39 29.98
CA LEU B 168 3.88 6.96 29.04
C LEU B 168 4.51 7.80 27.94
N ALA B 169 5.76 7.51 27.61
CA ALA B 169 6.49 8.24 26.58
C ALA B 169 5.82 8.10 25.23
N PHE B 170 5.20 6.94 25.00
CA PHE B 170 4.50 6.70 23.75
C PHE B 170 3.53 7.79 23.40
N PHE B 171 2.90 8.38 24.42
CA PHE B 171 1.85 9.38 24.20
C PHE B 171 2.38 10.79 23.96
N THR B 172 3.68 10.92 23.75
CA THR B 172 4.31 12.20 23.48
C THR B 172 5.27 12.09 22.29
N PHE B 173 5.03 12.91 21.27
CA PHE B 173 5.90 12.99 20.11
C PHE B 173 6.75 14.23 20.28
N PRO B 174 7.91 14.09 20.93
CA PRO B 174 8.66 15.27 21.34
C PRO B 174 9.09 16.18 20.19
N ASN B 175 9.20 15.65 18.99
CA ASN B 175 9.59 16.44 17.83
C ASN B 175 8.43 17.01 16.95
N ILE B 176 7.25 17.13 17.54
CA ILE B 176 6.13 17.75 16.87
C ILE B 176 5.62 18.79 17.83
N ALA B 177 6.00 20.04 17.57
CA ALA B 177 5.63 21.17 18.43
C ALA B 177 4.13 21.40 18.45
N SER B 178 3.53 21.39 17.26
CA SER B 178 2.08 21.55 17.10
C SER B 178 1.51 20.37 16.33
N ALA B 179 0.58 19.65 16.97
CA ALA B 179 -0.11 18.55 16.32
C ALA B 179 -0.88 19.02 15.08
N THR B 180 -1.71 20.04 15.27
CA THR B 180 -2.56 20.57 14.19
C THR B 180 -1.75 20.95 12.96
N LYS B 181 -0.64 21.65 13.16
CA LYS B 181 0.20 21.98 12.04
C LYS B 181 0.73 20.73 11.37
N PHE B 182 1.14 19.76 12.17
CA PHE B 182 1.69 18.55 11.60
C PHE B 182 0.65 17.73 10.86
N LYS B 183 -0.56 17.62 11.41
CA LYS B 183 -1.59 16.85 10.73
C LYS B 183 -1.80 17.37 9.31
N GLN B 184 -1.92 18.71 9.20
CA GLN B 184 -2.09 19.38 7.90
C GLN B 184 -0.98 19.10 6.91
N LEU B 185 0.25 19.29 7.38
CA LEU B 185 1.38 18.97 6.57
C LEU B 185 1.29 17.53 6.13
N TYR B 186 0.91 16.62 7.03
CA TYR B 186 0.85 15.20 6.69
C TYR B 186 -0.18 14.95 5.60
N ARG B 187 -1.39 15.45 5.83
CA ARG B 187 -2.47 15.37 4.85
C ARG B 187 -2.07 15.94 3.49
N SER B 188 -1.46 17.11 3.52
CA SER B 188 -0.94 17.73 2.31
C SER B 188 -0.05 16.74 1.56
N ARG B 189 0.86 16.10 2.28
CA ARG B 189 1.79 15.19 1.65
C ARG B 189 1.09 13.98 1.13
N MET B 190 0.14 13.46 1.90
CA MET B 190 -0.66 12.31 1.48
C MET B 190 -1.31 12.60 0.14
N ASN B 191 -1.93 13.77 0.07
CA ASN B 191 -2.69 14.18 -1.11
C ASN B 191 -1.80 14.49 -2.29
N SER B 192 -0.53 14.83 -2.03
CA SER B 192 0.46 14.98 -3.08
C SER B 192 0.75 13.66 -3.78
N LEU B 193 0.66 12.56 -3.06
CA LEU B 193 1.00 11.24 -3.63
C LEU B 193 0.18 10.97 -4.86
N GLU B 194 0.87 10.72 -5.97
CA GLU B 194 0.24 10.39 -7.24
C GLU B 194 0.03 8.91 -7.31
N MET B 195 -1.19 8.50 -7.65
CA MET B 195 -1.52 7.08 -7.78
C MET B 195 -2.70 6.89 -8.73
N THR B 196 -2.77 5.72 -9.36
CA THR B 196 -3.89 5.39 -10.23
C THR B 196 -5.15 5.18 -9.38
N PRO B 197 -6.34 5.26 -10.00
CA PRO B 197 -7.58 4.93 -9.28
C PRO B 197 -7.59 3.50 -8.73
N ALA B 198 -6.92 2.59 -9.44
CA ALA B 198 -6.80 1.20 -9.02
C ALA B 198 -6.17 1.15 -7.64
N VAL B 199 -5.01 1.78 -7.55
CA VAL B 199 -4.25 1.83 -6.30
C VAL B 199 -5.03 2.60 -5.23
N ARG B 200 -5.53 3.76 -5.58
CA ARG B 200 -6.28 4.58 -4.63
C ARG B 200 -7.37 3.80 -3.91
N GLN B 201 -8.12 2.97 -4.61
CA GLN B 201 -9.13 2.14 -3.95
C GLN B 201 -8.49 1.06 -3.08
N ARG B 202 -7.40 0.47 -3.56
CA ARG B 202 -6.66 -0.52 -2.78
C ARG B 202 -6.18 0.06 -1.45
N VAL B 203 -5.69 1.30 -1.50
CA VAL B 203 -5.28 2.04 -0.32
C VAL B 203 -6.44 2.31 0.64
N ILE B 204 -7.58 2.69 0.08
CA ILE B 204 -8.77 2.93 0.87
C ILE B 204 -9.20 1.65 1.57
N GLU B 205 -9.05 0.52 0.87
CA GLU B 205 -9.41 -0.77 1.44
C GLU B 205 -8.44 -1.17 2.52
N GLU B 206 -7.16 -0.94 2.26
CA GLU B 206 -6.12 -1.28 3.21
C GLU B 206 -6.31 -0.54 4.53
N ALA B 207 -6.78 0.70 4.44
CA ALA B 207 -7.07 1.49 5.64
C ALA B 207 -8.20 0.85 6.45
N LYS B 208 -9.25 0.40 5.76
CA LYS B 208 -10.31 -0.34 6.40
C LYS B 208 -9.74 -1.61 7.06
N THR B 209 -8.91 -2.32 6.31
CA THR B 209 -8.19 -3.48 6.83
C THR B 209 -7.50 -3.16 8.15
N ALA B 210 -6.79 -2.04 8.17
CA ALA B 210 -6.00 -1.65 9.33
C ALA B 210 -6.90 -1.46 10.52
N PHE B 211 -8.01 -0.78 10.33
CA PHE B 211 -9.01 -0.66 11.40
C PHE B 211 -9.53 -2.02 11.88
N LEU B 212 -9.75 -2.96 10.97
CA LEU B 212 -10.24 -4.28 11.36
C LEU B 212 -9.20 -4.97 12.21
N LEU B 213 -7.97 -5.01 11.71
CA LEU B 213 -6.86 -5.60 12.43
C LEU B 213 -6.79 -5.07 13.85
N ASN B 214 -7.07 -3.78 14.01
CA ASN B 214 -7.16 -3.19 15.33
C ASN B 214 -8.36 -3.75 16.07
N ILE B 215 -9.53 -3.72 15.43
CA ILE B 215 -10.77 -4.18 16.06
C ILE B 215 -10.62 -5.59 16.61
N GLN B 216 -10.15 -6.51 15.77
CA GLN B 216 -9.99 -7.90 16.19
C GLN B 216 -9.00 -7.99 17.34
N LEU B 217 -7.99 -7.14 17.34
CA LEU B 217 -7.01 -7.15 18.41
C LEU B 217 -7.68 -6.77 19.71
N PHE B 218 -8.55 -5.78 19.68
CA PHE B 218 -9.22 -5.37 20.92
C PHE B 218 -10.13 -6.46 21.44
N GLU B 219 -10.84 -7.12 20.53
CA GLU B 219 -11.70 -8.23 20.89
C GLU B 219 -10.86 -9.29 21.54
N GLU B 220 -9.71 -9.58 20.96
CA GLU B 220 -8.79 -10.57 21.53
C GLU B 220 -8.31 -10.16 22.94
N LEU B 221 -7.86 -8.92 23.11
CA LEU B 221 -7.38 -8.47 24.42
C LEU B 221 -8.47 -8.52 25.47
N GLN B 222 -9.66 -8.07 25.10
CA GLN B 222 -10.80 -8.08 26.00
C GLN B 222 -11.11 -9.51 26.43
N GLU B 223 -11.03 -10.45 25.49
CA GLU B 223 -11.28 -11.85 25.76
C GLU B 223 -10.29 -12.34 26.80
N LEU B 224 -9.02 -12.02 26.59
CA LEU B 224 -7.97 -12.45 27.51
C LEU B 224 -8.23 -11.87 28.89
N LEU B 225 -8.54 -10.59 28.95
CA LEU B 225 -8.70 -9.92 30.22
C LEU B 225 -9.90 -10.39 31.05
N THR B 226 -10.89 -11.01 30.40
CA THR B 226 -12.02 -11.63 31.13
C THR B 226 -11.87 -13.15 31.09
N HIS B 227 -11.30 -13.71 32.17
CA HIS B 227 -11.23 -15.15 32.39
C HIS B 227 -11.60 -15.51 33.84
N PRO C 14 -38.11 17.16 -34.89
CA PRO C 14 -39.15 16.14 -34.81
C PRO C 14 -39.56 15.82 -33.39
N GLN C 15 -40.63 15.05 -33.27
CA GLN C 15 -41.24 14.70 -31.99
C GLN C 15 -40.29 13.80 -31.17
N ASP C 16 -39.78 12.75 -31.80
CA ASP C 16 -38.91 11.76 -31.13
C ASP C 16 -37.49 12.26 -30.92
N LEU C 17 -36.97 12.06 -29.71
CA LEU C 17 -35.63 12.54 -29.36
C LEU C 17 -34.60 12.05 -30.35
N SER C 18 -34.66 10.77 -30.68
CA SER C 18 -33.69 10.19 -31.58
C SER C 18 -33.67 10.90 -32.94
N GLU C 19 -34.85 11.22 -33.46
CA GLU C 19 -34.94 11.91 -34.75
C GLU C 19 -34.43 13.34 -34.61
N ALA C 20 -34.78 13.97 -33.50
CA ALA C 20 -34.44 15.37 -33.26
C ALA C 20 -32.93 15.52 -33.16
N LEU C 21 -32.30 14.55 -32.50
CA LEU C 21 -30.84 14.49 -32.38
C LEU C 21 -30.20 14.25 -33.74
N LYS C 22 -30.75 13.31 -34.48
CA LYS C 22 -30.20 12.97 -35.79
C LYS C 22 -30.14 14.21 -36.65
N GLU C 23 -31.28 14.89 -36.79
CA GLU C 23 -31.36 16.06 -37.67
C GLU C 23 -30.61 17.26 -37.12
N ALA C 24 -30.76 17.53 -35.82
CA ALA C 24 -30.09 18.68 -35.20
C ALA C 24 -28.56 18.66 -35.33
N THR C 25 -27.98 17.46 -35.39
CA THR C 25 -26.52 17.31 -35.40
C THR C 25 -25.94 16.97 -36.78
N LYS C 26 -26.79 16.92 -37.81
CA LYS C 26 -26.38 16.50 -39.15
C LYS C 26 -25.20 17.34 -39.64
N GLU C 27 -25.25 18.64 -39.36
CA GLU C 27 -24.18 19.55 -39.77
C GLU C 27 -22.87 19.10 -39.14
N VAL C 28 -22.83 19.06 -37.80
CA VAL C 28 -21.60 18.74 -37.06
C VAL C 28 -21.11 17.33 -37.35
N ARG C 29 -22.03 16.39 -37.56
CA ARG C 29 -21.64 15.00 -37.86
C ARG C 29 -20.90 14.90 -39.19
N THR C 30 -21.38 15.60 -40.21
CA THR C 30 -20.70 15.62 -41.50
C THR C 30 -19.32 16.29 -41.34
N GLN C 31 -19.28 17.45 -40.66
CA GLN C 31 -18.00 18.12 -40.29
C GLN C 31 -17.08 17.15 -39.58
N ALA C 32 -17.64 16.38 -38.65
CA ALA C 32 -16.90 15.40 -37.88
C ALA C 32 -16.35 14.27 -38.75
N GLU C 33 -17.17 13.76 -39.66
CA GLU C 33 -16.75 12.68 -40.57
C GLU C 33 -15.90 13.24 -41.72
N ASN C 34 -16.02 14.53 -41.97
CA ASN C 34 -15.15 15.11 -42.96
C ASN C 34 -13.90 15.77 -42.42
N ALA C 35 -13.66 15.64 -41.11
CA ALA C 35 -12.38 16.07 -40.53
C ALA C 35 -11.27 15.36 -41.27
N GLU C 36 -10.15 16.04 -41.45
CA GLU C 36 -9.06 15.50 -42.28
C GLU C 36 -8.68 14.10 -41.83
N PHE C 37 -8.38 13.97 -40.55
CA PHE C 37 -7.95 12.69 -40.00
C PHE C 37 -8.92 11.58 -40.42
N MET C 38 -10.20 11.79 -40.16
CA MET C 38 -11.24 10.84 -40.56
C MET C 38 -11.33 10.66 -42.08
N ARG C 39 -11.29 11.76 -42.83
CA ARG C 39 -11.27 11.65 -44.29
C ARG C 39 -10.18 10.69 -44.73
N ASN C 40 -8.96 10.90 -44.23
CA ASN C 40 -7.84 10.04 -44.58
C ASN C 40 -8.05 8.61 -44.10
N PHE C 41 -8.68 8.47 -42.94
CA PHE C 41 -9.07 7.15 -42.44
C PHE C 41 -9.96 6.48 -43.49
N GLN C 42 -11.05 7.13 -43.89
CA GLN C 42 -12.02 6.57 -44.85
C GLN C 42 -11.35 6.19 -46.16
N LYS C 43 -10.57 7.11 -46.72
CA LYS C 43 -9.80 6.86 -47.95
C LYS C 43 -8.69 5.81 -47.80
N GLY C 44 -8.56 5.24 -46.60
CA GLY C 44 -7.60 4.16 -46.37
C GLY C 44 -6.23 4.61 -45.87
N GLN C 45 -5.97 5.92 -45.85
CA GLN C 45 -4.68 6.46 -45.35
C GLN C 45 -4.66 6.67 -43.84
N VAL C 46 -4.09 5.71 -43.12
CA VAL C 46 -3.96 5.80 -41.67
C VAL C 46 -2.71 5.05 -41.22
N THR C 47 -1.95 5.65 -40.31
CA THR C 47 -0.66 5.07 -39.90
C THR C 47 -0.81 4.39 -38.56
N ARG C 48 0.21 3.64 -38.17
CA ARG C 48 0.21 3.01 -36.84
C ARG C 48 0.21 4.05 -35.72
N ASP C 49 1.09 5.03 -35.80
CA ASP C 49 1.10 6.08 -34.79
C ASP C 49 -0.26 6.77 -34.70
N GLY C 50 -0.86 7.02 -35.86
CA GLY C 50 -2.19 7.61 -35.92
C GLY C 50 -3.22 6.75 -35.22
N PHE C 51 -3.24 5.47 -35.57
CA PHE C 51 -4.17 4.54 -34.96
C PHE C 51 -3.97 4.45 -33.44
N LYS C 52 -2.72 4.25 -33.02
CA LYS C 52 -2.38 4.24 -31.61
C LYS C 52 -2.95 5.46 -30.86
N LEU C 53 -2.96 6.60 -31.53
CA LEU C 53 -3.49 7.82 -30.93
C LEU C 53 -4.99 7.80 -30.70
N VAL C 54 -5.77 7.45 -31.73
CA VAL C 54 -7.25 7.40 -31.53
C VAL C 54 -7.65 6.36 -30.50
N MET C 55 -6.98 5.21 -30.53
CA MET C 55 -7.27 4.16 -29.56
C MET C 55 -7.01 4.66 -28.13
N ALA C 56 -5.90 5.37 -27.93
CA ALA C 56 -5.61 5.99 -26.66
C ALA C 56 -6.68 6.99 -26.26
N SER C 57 -7.16 7.77 -27.23
CA SER C 57 -8.22 8.73 -26.98
C SER C 57 -9.49 8.03 -26.56
N LEU C 58 -9.86 7.00 -27.31
CA LEU C 58 -11.09 6.26 -27.04
C LEU C 58 -11.08 5.70 -25.64
N TYR C 59 -9.92 5.21 -25.22
CA TYR C 59 -9.75 4.74 -23.85
C TYR C 59 -10.09 5.81 -22.82
N HIS C 60 -9.42 6.96 -22.91
CA HIS C 60 -9.64 8.07 -21.97
C HIS C 60 -11.10 8.52 -21.94
N ILE C 61 -11.69 8.55 -23.12
CA ILE C 61 -13.06 8.97 -23.29
C ILE C 61 -13.99 7.95 -22.68
N TYR C 62 -13.92 6.72 -23.18
CA TYR C 62 -14.77 5.65 -22.67
C TYR C 62 -14.57 5.35 -21.18
N VAL C 63 -13.38 5.58 -20.65
CA VAL C 63 -13.21 5.43 -19.22
C VAL C 63 -14.08 6.46 -18.50
N ALA C 64 -14.02 7.70 -18.94
CA ALA C 64 -14.75 8.81 -18.30
C ALA C 64 -16.25 8.65 -18.46
N LEU C 65 -16.67 8.30 -19.68
CA LEU C 65 -18.07 8.12 -19.99
C LEU C 65 -18.67 7.02 -19.13
N GLU C 66 -17.99 5.89 -19.04
CA GLU C 66 -18.53 4.72 -18.36
C GLU C 66 -18.45 4.86 -16.86
N GLU C 67 -17.49 5.65 -16.40
CA GLU C 67 -17.37 6.01 -15.00
C GLU C 67 -18.62 6.76 -14.59
N GLU C 68 -19.02 7.73 -15.41
CA GLU C 68 -20.19 8.56 -15.14
C GLU C 68 -21.51 7.86 -15.41
N ILE C 69 -21.51 6.89 -16.32
CA ILE C 69 -22.70 6.09 -16.53
C ILE C 69 -22.96 5.32 -15.25
N GLU C 70 -21.93 4.65 -14.75
CA GLU C 70 -22.05 3.90 -13.49
C GLU C 70 -22.55 4.78 -12.34
N ARG C 71 -22.07 6.01 -12.27
CA ARG C 71 -22.52 6.93 -11.24
C ARG C 71 -24.04 7.14 -11.31
N ASN C 72 -24.58 7.24 -12.52
CA ASN C 72 -26.00 7.64 -12.69
C ASN C 72 -26.92 6.58 -13.30
N LYS C 73 -26.54 5.29 -13.23
CA LYS C 73 -27.33 4.21 -13.87
C LYS C 73 -28.72 4.00 -13.26
N GLU C 74 -28.87 4.32 -11.98
CA GLU C 74 -30.15 4.20 -11.31
C GLU C 74 -31.03 5.44 -11.43
N SER C 75 -30.49 6.55 -11.91
CA SER C 75 -31.29 7.75 -12.09
C SER C 75 -32.30 7.57 -13.23
N PRO C 76 -33.52 8.11 -13.05
CA PRO C 76 -34.52 8.14 -14.12
C PRO C 76 -34.02 8.76 -15.41
N VAL C 77 -33.07 9.71 -15.32
CA VAL C 77 -32.61 10.43 -16.51
C VAL C 77 -31.63 9.65 -17.38
N PHE C 78 -31.19 8.48 -16.90
CA PHE C 78 -30.35 7.59 -17.69
C PHE C 78 -30.77 6.11 -17.70
N ALA C 79 -31.29 5.60 -16.58
CA ALA C 79 -31.57 4.16 -16.41
C ALA C 79 -32.14 3.45 -17.65
N PRO C 80 -33.12 4.07 -18.33
CA PRO C 80 -33.68 3.45 -19.53
C PRO C 80 -32.71 3.18 -20.70
N VAL C 81 -31.57 3.86 -20.76
CA VAL C 81 -30.57 3.59 -21.83
C VAL C 81 -29.28 2.94 -21.30
N TYR C 82 -29.38 2.37 -20.10
CA TYR C 82 -28.28 1.67 -19.48
C TYR C 82 -28.21 0.23 -20.00
N PHE C 83 -27.23 -0.04 -20.85
CA PHE C 83 -27.03 -1.39 -21.40
C PHE C 83 -25.57 -1.81 -21.23
N PRO C 84 -25.15 -2.04 -19.98
CA PRO C 84 -23.77 -2.31 -19.65
C PRO C 84 -23.18 -3.44 -20.45
N GLU C 85 -23.78 -4.62 -20.38
CA GLU C 85 -23.22 -5.79 -21.04
C GLU C 85 -23.11 -5.58 -22.53
N GLU C 86 -24.06 -4.88 -23.12
CA GLU C 86 -24.13 -4.80 -24.57
C GLU C 86 -23.12 -3.79 -25.10
N LEU C 87 -22.87 -2.73 -24.35
CA LEU C 87 -22.10 -1.59 -24.89
C LEU C 87 -20.71 -1.35 -24.30
N HIS C 88 -20.49 -1.69 -23.02
CA HIS C 88 -19.24 -1.32 -22.37
C HIS C 88 -17.98 -1.57 -23.23
N ARG C 89 -17.17 -0.52 -23.36
CA ARG C 89 -15.96 -0.54 -24.18
C ARG C 89 -14.65 -0.47 -23.41
N LYS C 90 -14.69 -0.04 -22.15
CA LYS C 90 -13.47 0.10 -21.37
C LYS C 90 -12.58 -1.13 -21.53
N ALA C 91 -13.14 -2.30 -21.26
CA ALA C 91 -12.35 -3.51 -21.18
C ALA C 91 -11.67 -3.80 -22.51
N ALA C 92 -12.44 -3.75 -23.58
CA ALA C 92 -11.90 -4.06 -24.89
C ALA C 92 -10.80 -3.09 -25.21
N LEU C 93 -10.96 -1.85 -24.80
CA LEU C 93 -9.95 -0.87 -25.07
C LEU C 93 -8.69 -1.26 -24.30
N GLU C 94 -8.85 -1.67 -23.05
CA GLU C 94 -7.72 -2.16 -22.26
C GLU C 94 -7.00 -3.30 -23.00
N GLN C 95 -7.74 -4.27 -23.52
CA GLN C 95 -7.15 -5.37 -24.27
C GLN C 95 -6.34 -4.82 -25.44
N ASP C 96 -6.94 -3.90 -26.17
CA ASP C 96 -6.31 -3.37 -27.39
C ASP C 96 -5.05 -2.57 -27.10
N LEU C 97 -5.13 -1.65 -26.15
CA LEU C 97 -3.96 -0.87 -25.77
C LEU C 97 -2.79 -1.75 -25.29
N ALA C 98 -3.10 -2.78 -24.50
CA ALA C 98 -2.08 -3.72 -24.08
C ALA C 98 -1.33 -4.20 -25.31
N PHE C 99 -2.07 -4.56 -26.35
CA PHE C 99 -1.44 -4.95 -27.60
C PHE C 99 -0.67 -3.79 -28.21
N TRP C 100 -1.34 -2.68 -28.48
CA TRP C 100 -0.70 -1.60 -29.23
C TRP C 100 0.46 -0.95 -28.50
N TYR C 101 0.37 -0.83 -27.18
CA TYR C 101 1.37 -0.11 -26.41
C TYR C 101 2.21 -1.00 -25.48
N GLY C 102 1.96 -2.31 -25.47
CA GLY C 102 2.68 -3.23 -24.60
C GLY C 102 2.13 -3.28 -23.18
N PRO C 103 2.71 -4.13 -22.32
CA PRO C 103 2.22 -4.34 -20.96
C PRO C 103 2.18 -3.12 -20.09
N ARG C 104 3.04 -2.15 -20.35
CA ARG C 104 3.01 -0.91 -19.57
C ARG C 104 2.30 0.24 -20.31
N TRP C 105 1.34 -0.11 -21.17
CA TRP C 105 0.50 0.87 -21.85
C TRP C 105 -0.05 1.90 -20.85
N GLN C 106 -0.50 1.40 -19.72
CA GLN C 106 -1.02 2.24 -18.66
C GLN C 106 -0.19 3.50 -18.48
N GLU C 107 1.12 3.31 -18.41
CA GLU C 107 2.05 4.38 -18.06
C GLU C 107 2.46 5.23 -19.27
N VAL C 108 2.47 4.64 -20.46
CA VAL C 108 3.04 5.30 -21.64
C VAL C 108 2.07 5.88 -22.68
N ILE C 109 0.77 5.82 -22.45
CA ILE C 109 -0.19 6.34 -23.46
C ILE C 109 -0.33 7.83 -23.28
N PRO C 110 -0.42 8.56 -24.39
CA PRO C 110 -0.58 10.01 -24.30
C PRO C 110 -1.91 10.43 -23.68
N TYR C 111 -1.96 11.66 -23.18
CA TYR C 111 -3.18 12.26 -22.67
C TYR C 111 -3.12 13.72 -23.03
N THR C 112 -3.36 13.99 -24.29
CA THR C 112 -3.22 15.33 -24.85
C THR C 112 -4.31 16.28 -24.35
N PRO C 113 -4.17 17.58 -24.63
CA PRO C 113 -5.16 18.54 -24.16
C PRO C 113 -6.57 18.32 -24.71
N ALA C 114 -6.69 17.85 -25.95
CA ALA C 114 -8.02 17.60 -26.52
C ALA C 114 -8.71 16.38 -25.91
N MET C 115 -7.91 15.41 -25.46
CA MET C 115 -8.44 14.29 -24.71
C MET C 115 -8.90 14.75 -23.31
N GLN C 116 -8.09 15.54 -22.61
CA GLN C 116 -8.49 16.11 -21.32
C GLN C 116 -9.77 16.91 -21.43
N ARG C 117 -9.88 17.72 -22.48
CA ARG C 117 -11.03 18.60 -22.65
C ARG C 117 -12.30 17.76 -22.79
N TYR C 118 -12.21 16.64 -23.49
CA TYR C 118 -13.33 15.72 -23.68
C TYR C 118 -13.63 15.01 -22.36
N VAL C 119 -12.60 14.48 -21.73
CA VAL C 119 -12.75 13.82 -20.44
C VAL C 119 -13.38 14.77 -19.43
N LYS C 120 -12.92 16.02 -19.45
CA LYS C 120 -13.38 17.02 -18.50
C LYS C 120 -14.86 17.24 -18.67
N ARG C 121 -15.31 17.45 -19.91
CA ARG C 121 -16.72 17.70 -20.17
C ARG C 121 -17.57 16.55 -19.66
N LEU C 122 -17.18 15.33 -20.05
CA LEU C 122 -17.90 14.11 -19.61
C LEU C 122 -18.12 14.06 -18.11
N HIS C 123 -17.07 14.37 -17.33
CA HIS C 123 -17.19 14.37 -15.87
C HIS C 123 -18.08 15.51 -15.37
N GLU C 124 -17.91 16.71 -15.93
CA GLU C 124 -18.78 17.83 -15.58
C GLU C 124 -20.24 17.44 -15.79
N VAL C 125 -20.53 16.80 -16.92
CA VAL C 125 -21.89 16.36 -17.22
C VAL C 125 -22.38 15.32 -16.23
N GLY C 126 -21.57 14.32 -15.96
CA GLY C 126 -21.98 13.26 -15.06
C GLY C 126 -22.22 13.73 -13.64
N ARG C 127 -21.41 14.68 -13.20
CA ARG C 127 -21.42 15.14 -11.82
C ARG C 127 -22.52 16.15 -11.58
N THR C 128 -22.77 17.02 -12.56
CA THR C 128 -23.68 18.16 -12.35
C THR C 128 -24.83 18.29 -13.35
N GLU C 129 -24.83 17.53 -14.43
CA GLU C 129 -25.95 17.56 -15.37
C GLU C 129 -26.26 16.17 -15.92
N PRO C 130 -26.42 15.17 -15.05
CA PRO C 130 -26.59 13.78 -15.50
C PRO C 130 -27.67 13.61 -16.58
N GLU C 131 -28.71 14.44 -16.51
CA GLU C 131 -29.74 14.46 -17.53
C GLU C 131 -29.22 14.59 -18.96
N LEU C 132 -28.06 15.22 -19.15
CA LEU C 132 -27.47 15.33 -20.49
C LEU C 132 -26.58 14.14 -20.92
N LEU C 133 -26.28 13.24 -19.99
CA LEU C 133 -25.33 12.15 -20.26
C LEU C 133 -25.70 11.34 -21.50
N VAL C 134 -26.99 11.08 -21.66
CA VAL C 134 -27.54 10.39 -22.83
C VAL C 134 -27.09 11.01 -24.16
N ALA C 135 -26.75 12.29 -24.15
CA ALA C 135 -26.26 12.93 -25.38
C ALA C 135 -24.94 12.32 -25.80
N HIS C 136 -24.06 12.16 -24.82
CA HIS C 136 -22.76 11.57 -25.07
C HIS C 136 -22.82 10.08 -25.33
N ALA C 137 -23.66 9.39 -24.56
CA ALA C 137 -23.88 7.96 -24.75
C ALA C 137 -24.33 7.69 -26.16
N TYR C 138 -25.37 8.42 -26.58
CA TYR C 138 -25.84 8.30 -27.95
C TYR C 138 -24.70 8.55 -28.93
N THR C 139 -24.10 9.74 -28.84
CA THR C 139 -23.05 10.15 -29.76
C THR C 139 -21.96 9.12 -29.95
N ARG C 140 -21.47 8.61 -28.83
CA ARG C 140 -20.35 7.65 -28.86
C ARG C 140 -20.75 6.22 -29.26
N TYR C 141 -21.66 5.63 -28.48
CA TYR C 141 -21.96 4.22 -28.62
C TYR C 141 -22.62 3.95 -29.96
N LEU C 142 -23.69 4.64 -30.23
CA LEU C 142 -24.38 4.45 -31.49
C LEU C 142 -23.50 4.78 -32.66
N GLY C 143 -22.67 5.79 -32.51
CA GLY C 143 -21.77 6.17 -33.59
C GLY C 143 -20.81 5.05 -33.91
N ASP C 144 -20.10 4.62 -32.87
CA ASP C 144 -19.09 3.60 -33.03
C ASP C 144 -19.70 2.29 -33.48
N LEU C 145 -20.91 2.01 -33.03
CA LEU C 145 -21.62 0.82 -33.43
C LEU C 145 -21.91 0.87 -34.92
N SER C 146 -22.50 1.97 -35.37
CA SER C 146 -22.90 2.12 -36.78
C SER C 146 -21.72 2.32 -37.75
N GLY C 147 -20.68 3.01 -37.32
CA GLY C 147 -19.49 3.18 -38.14
C GLY C 147 -18.37 2.19 -37.86
N GLY C 148 -18.63 1.26 -36.94
CA GLY C 148 -17.66 0.25 -36.62
C GLY C 148 -17.94 -0.75 -37.72
N GLN C 149 -17.15 -1.80 -37.80
CA GLN C 149 -17.36 -2.82 -38.81
C GLN C 149 -17.30 -2.18 -40.23
N VAL C 150 -16.44 -1.19 -40.39
CA VAL C 150 -16.22 -0.51 -41.68
C VAL C 150 -14.88 0.17 -41.44
N LEU C 151 -14.79 0.92 -40.34
CA LEU C 151 -13.50 1.36 -39.84
C LEU C 151 -12.54 0.22 -39.52
N LYS C 152 -13.08 -0.82 -38.91
CA LYS C 152 -12.36 -2.06 -38.64
C LYS C 152 -11.71 -2.58 -39.92
N LYS C 153 -12.52 -2.82 -40.94
CA LYS C 153 -12.01 -3.36 -42.21
C LYS C 153 -10.93 -2.46 -42.81
N ILE C 154 -11.19 -1.16 -42.87
CA ILE C 154 -10.18 -0.20 -43.31
C ILE C 154 -8.88 -0.40 -42.54
N ALA C 155 -9.01 -0.49 -41.22
CA ALA C 155 -7.85 -0.57 -40.33
C ALA C 155 -6.99 -1.79 -40.57
N GLN C 156 -7.61 -2.93 -40.83
CA GLN C 156 -6.84 -4.17 -41.04
C GLN C 156 -6.15 -4.20 -42.41
N LYS C 157 -6.79 -3.67 -43.45
CA LYS C 157 -6.15 -3.62 -44.77
C LYS C 157 -4.97 -2.67 -44.69
N ALA C 158 -5.19 -1.51 -44.09
CA ALA C 158 -4.18 -0.46 -44.01
C ALA C 158 -2.99 -0.81 -43.08
N LEU C 159 -3.29 -1.22 -41.86
CA LEU C 159 -2.26 -1.41 -40.83
C LEU C 159 -1.52 -2.75 -40.91
N ASP C 160 -1.94 -3.63 -41.82
CA ASP C 160 -1.13 -4.78 -42.20
C ASP C 160 -0.64 -5.50 -40.95
N LEU C 161 -1.57 -5.82 -40.05
CA LEU C 161 -1.26 -6.32 -38.70
C LEU C 161 -0.71 -7.74 -38.69
N PRO C 162 -0.04 -8.13 -37.58
CA PRO C 162 0.35 -9.53 -37.42
C PRO C 162 -0.86 -10.39 -37.09
N SER C 163 -0.83 -11.67 -37.43
CA SER C 163 -1.92 -12.55 -37.04
C SER C 163 -1.76 -12.89 -35.55
N SER C 164 -1.88 -11.85 -34.73
CA SER C 164 -1.69 -11.94 -33.29
C SER C 164 -3.02 -12.08 -32.56
N GLY C 165 -4.13 -11.90 -33.27
CA GLY C 165 -5.46 -12.15 -32.70
C GLY C 165 -5.82 -11.20 -31.57
N GLU C 166 -5.28 -9.99 -31.62
CA GLU C 166 -5.69 -8.92 -30.72
C GLU C 166 -5.33 -7.58 -31.34
N GLY C 167 -5.94 -6.52 -30.83
CA GLY C 167 -5.69 -5.16 -31.33
C GLY C 167 -6.93 -4.40 -31.76
N LEU C 168 -7.98 -5.11 -32.15
CA LEU C 168 -9.20 -4.50 -32.71
C LEU C 168 -10.49 -4.93 -32.03
N ALA C 169 -10.39 -5.31 -30.77
CA ALA C 169 -11.53 -5.75 -29.99
C ALA C 169 -12.55 -4.65 -29.85
N PHE C 170 -12.07 -3.42 -29.78
CA PHE C 170 -12.96 -2.27 -29.67
C PHE C 170 -14.05 -2.26 -30.71
N PHE C 171 -13.74 -2.73 -31.92
CA PHE C 171 -14.69 -2.68 -33.05
C PHE C 171 -15.69 -3.82 -33.08
N THR C 172 -15.76 -4.59 -32.00
CA THR C 172 -16.71 -5.71 -31.86
C THR C 172 -17.40 -5.64 -30.51
N PHE C 173 -18.72 -5.56 -30.54
CA PHE C 173 -19.54 -5.59 -29.33
C PHE C 173 -20.07 -6.99 -29.23
N PRO C 174 -19.35 -7.87 -28.52
CA PRO C 174 -19.70 -9.31 -28.59
C PRO C 174 -21.10 -9.65 -28.10
N ASN C 175 -21.66 -8.81 -27.24
CA ASN C 175 -23.00 -9.04 -26.71
C ASN C 175 -24.15 -8.34 -27.46
N ILE C 176 -23.93 -7.97 -28.72
CA ILE C 176 -24.97 -7.43 -29.56
C ILE C 176 -24.94 -8.25 -30.83
N ALA C 177 -25.87 -9.20 -30.92
CA ALA C 177 -25.95 -10.11 -32.07
C ALA C 177 -26.25 -9.36 -33.35
N SER C 178 -27.22 -8.46 -33.28
CA SER C 178 -27.64 -7.63 -34.41
C SER C 178 -27.57 -6.16 -34.04
N ALA C 179 -26.75 -5.42 -34.78
CA ALA C 179 -26.64 -3.97 -34.59
C ALA C 179 -27.99 -3.27 -34.82
N THR C 180 -28.60 -3.54 -35.97
CA THR C 180 -29.86 -2.91 -36.36
C THR C 180 -30.93 -3.10 -35.30
N LYS C 181 -31.06 -4.31 -34.79
CA LYS C 181 -32.04 -4.54 -33.74
C LYS C 181 -31.70 -3.70 -32.51
N PHE C 182 -30.43 -3.66 -32.17
CA PHE C 182 -30.03 -2.94 -30.97
C PHE C 182 -30.21 -1.44 -31.13
N LYS C 183 -29.88 -0.89 -32.30
CA LYS C 183 -30.04 0.55 -32.50
C LYS C 183 -31.49 0.96 -32.21
N GLN C 184 -32.43 0.20 -32.78
CA GLN C 184 -33.86 0.44 -32.59
C GLN C 184 -34.30 0.40 -31.13
N LEU C 185 -33.90 -0.66 -30.45
CA LEU C 185 -34.17 -0.78 -29.04
C LEU C 185 -33.59 0.43 -28.32
N TYR C 186 -32.37 0.86 -28.68
CA TYR C 186 -31.75 2.00 -28.00
C TYR C 186 -32.57 3.27 -28.23
N ARG C 187 -32.87 3.56 -29.50
CA ARG C 187 -33.70 4.70 -29.86
C ARG C 187 -35.03 4.69 -29.11
N SER C 188 -35.67 3.53 -29.10
CA SER C 188 -36.91 3.36 -28.37
C SER C 188 -36.74 3.83 -26.93
N ARG C 189 -35.67 3.38 -26.30
CA ARG C 189 -35.46 3.73 -24.91
C ARG C 189 -35.18 5.20 -24.75
N MET C 190 -34.38 5.75 -25.66
CA MET C 190 -34.08 7.19 -25.64
C MET C 190 -35.37 7.99 -25.66
N ASN C 191 -36.26 7.61 -26.56
CA ASN C 191 -37.51 8.32 -26.78
C ASN C 191 -38.50 8.11 -25.64
N SER C 192 -38.33 7.01 -24.90
CA SER C 192 -39.09 6.80 -23.67
C SER C 192 -38.73 7.81 -22.58
N LEU C 193 -37.48 8.28 -22.57
CA LEU C 193 -37.06 9.22 -21.53
C LEU C 193 -37.94 10.43 -21.50
N GLU C 194 -38.54 10.68 -20.34
CA GLU C 194 -39.37 11.86 -20.11
C GLU C 194 -38.51 13.02 -19.69
N MET C 195 -38.66 14.18 -20.34
CA MET C 195 -37.91 15.36 -19.99
C MET C 195 -38.69 16.63 -20.41
N THR C 196 -38.42 17.73 -19.73
CA THR C 196 -39.02 19.02 -20.10
C THR C 196 -38.41 19.53 -21.41
N PRO C 197 -39.09 20.46 -22.10
CA PRO C 197 -38.52 21.09 -23.31
C PRO C 197 -37.19 21.80 -23.02
N ALA C 198 -37.06 22.34 -21.80
CA ALA C 198 -35.83 23.00 -21.34
C ALA C 198 -34.67 22.03 -21.47
N VAL C 199 -34.83 20.87 -20.83
CA VAL C 199 -33.82 19.81 -20.84
C VAL C 199 -33.61 19.29 -22.26
N ARG C 200 -34.69 18.98 -22.96
CA ARG C 200 -34.59 18.44 -24.30
C ARG C 200 -33.67 19.28 -25.22
N GLN C 201 -33.78 20.60 -25.16
CA GLN C 201 -32.88 21.44 -25.97
C GLN C 201 -31.45 21.39 -25.45
N ARG C 202 -31.29 21.36 -24.13
CA ARG C 202 -29.97 21.24 -23.53
C ARG C 202 -29.26 19.96 -23.99
N VAL C 203 -30.02 18.87 -24.04
CA VAL C 203 -29.54 17.58 -24.53
C VAL C 203 -29.12 17.69 -26.01
N ILE C 204 -29.95 18.35 -26.81
CA ILE C 204 -29.65 18.50 -28.23
C ILE C 204 -28.36 19.29 -28.42
N GLU C 205 -28.15 20.27 -27.54
CA GLU C 205 -26.94 21.09 -27.59
C GLU C 205 -25.73 20.30 -27.15
N GLU C 206 -25.91 19.52 -26.10
CA GLU C 206 -24.82 18.69 -25.57
C GLU C 206 -24.34 17.70 -26.61
N ALA C 207 -25.25 17.18 -27.42
CA ALA C 207 -24.88 16.31 -28.52
C ALA C 207 -24.02 17.01 -29.55
N LYS C 208 -24.39 18.24 -29.90
CA LYS C 208 -23.56 19.05 -30.77
C LYS C 208 -22.19 19.27 -30.15
N THR C 209 -22.19 19.62 -28.87
CA THR C 209 -20.96 19.73 -28.08
C THR C 209 -20.07 18.51 -28.25
N ALA C 210 -20.66 17.33 -28.08
CA ALA C 210 -19.94 16.09 -28.15
C ALA C 210 -19.25 15.95 -29.50
N PHE C 211 -19.98 16.22 -30.58
CA PHE C 211 -19.38 16.19 -31.91
C PHE C 211 -18.23 17.17 -32.05
N LEU C 212 -18.35 18.34 -31.45
CA LEU C 212 -17.27 19.33 -31.54
C LEU C 212 -16.05 18.82 -30.81
N LEU C 213 -16.25 18.37 -29.57
CA LEU C 213 -15.17 17.79 -28.79
C LEU C 213 -14.42 16.74 -29.58
N ASN C 214 -15.15 15.96 -30.37
CA ASN C 214 -14.53 15.02 -31.28
C ASN C 214 -13.78 15.73 -32.37
N ILE C 215 -14.44 16.69 -33.02
CA ILE C 215 -13.84 17.40 -34.15
C ILE C 215 -12.51 18.01 -33.75
N GLN C 216 -12.50 18.74 -32.65
CA GLN C 216 -11.27 19.37 -32.21
C GLN C 216 -10.18 18.34 -31.87
N LEU C 217 -10.60 17.19 -31.37
CA LEU C 217 -9.66 16.12 -31.07
C LEU C 217 -9.01 15.63 -32.35
N PHE C 218 -9.77 15.49 -33.42
CA PHE C 218 -9.18 15.03 -34.68
C PHE C 218 -8.23 16.06 -35.25
N GLU C 219 -8.60 17.33 -35.16
CA GLU C 219 -7.71 18.40 -35.58
C GLU C 219 -6.43 18.32 -34.78
N GLU C 220 -6.54 18.12 -33.48
CA GLU C 220 -5.36 17.99 -32.63
C GLU C 220 -4.48 16.80 -33.05
N LEU C 221 -5.08 15.64 -33.26
CA LEU C 221 -4.30 14.45 -33.62
C LEU C 221 -3.63 14.63 -34.96
N GLN C 222 -4.36 15.18 -35.90
CA GLN C 222 -3.82 15.46 -37.22
C GLN C 222 -2.62 16.40 -37.11
N GLU C 223 -2.74 17.41 -36.25
CA GLU C 223 -1.67 18.37 -36.05
C GLU C 223 -0.44 17.64 -35.54
N LEU C 224 -0.63 16.79 -34.54
CA LEU C 224 0.49 16.05 -33.96
C LEU C 224 1.15 15.19 -34.99
N LEU C 225 0.34 14.47 -35.76
CA LEU C 225 0.89 13.54 -36.74
C LEU C 225 1.66 14.21 -37.89
N THR C 226 1.40 15.49 -38.15
CA THR C 226 2.20 16.24 -39.12
C THR C 226 3.09 17.25 -38.40
N HIS C 227 4.34 16.87 -38.16
CA HIS C 227 5.27 17.79 -37.47
C HIS C 227 6.78 17.76 -37.86
N PRO D 14 3.67 -27.97 3.18
CA PRO D 14 4.33 -26.79 3.71
C PRO D 14 3.40 -25.87 4.47
N GLN D 15 3.99 -24.89 5.14
CA GLN D 15 3.27 -23.95 5.99
C GLN D 15 2.35 -23.04 5.17
N ASP D 16 2.88 -22.46 4.10
CA ASP D 16 2.14 -21.51 3.23
C ASP D 16 1.17 -22.21 2.28
N LEU D 17 -0.06 -21.70 2.22
CA LEU D 17 -1.10 -22.32 1.40
C LEU D 17 -0.64 -22.49 -0.03
N SER D 18 -0.03 -21.46 -0.58
CA SER D 18 0.40 -21.49 -1.96
C SER D 18 1.37 -22.65 -2.21
N GLU D 19 2.30 -22.87 -1.29
CA GLU D 19 3.27 -23.96 -1.43
C GLU D 19 2.60 -25.30 -1.25
N ALA D 20 1.67 -25.37 -0.30
CA ALA D 20 0.96 -26.60 0.00
C ALA D 20 0.11 -27.05 -1.18
N LEU D 21 -0.51 -26.08 -1.84
CA LEU D 21 -1.29 -26.31 -3.06
C LEU D 21 -0.41 -26.76 -4.20
N LYS D 22 0.72 -26.08 -4.37
CA LYS D 22 1.62 -26.40 -5.45
C LYS D 22 2.04 -27.86 -5.36
N GLU D 23 2.54 -28.23 -4.20
CA GLU D 23 3.07 -29.57 -3.98
C GLU D 23 1.96 -30.64 -3.95
N ALA D 24 0.86 -30.36 -3.26
CA ALA D 24 -0.25 -31.31 -3.17
C ALA D 24 -0.86 -31.69 -4.53
N THR D 25 -0.81 -30.78 -5.49
CA THR D 25 -1.47 -30.98 -6.78
C THR D 25 -0.51 -31.36 -7.91
N LYS D 26 0.78 -31.53 -7.58
CA LYS D 26 1.80 -31.78 -8.59
C LYS D 26 1.47 -32.99 -9.43
N GLU D 27 0.92 -34.02 -8.79
CA GLU D 27 0.53 -35.23 -9.48
C GLU D 27 -0.54 -34.92 -10.54
N VAL D 28 -1.68 -34.40 -10.10
CA VAL D 28 -2.80 -34.10 -11.01
C VAL D 28 -2.44 -33.06 -12.07
N ARG D 29 -1.59 -32.08 -11.72
CA ARG D 29 -1.17 -31.08 -12.67
C ARG D 29 -0.39 -31.70 -13.84
N THR D 30 0.49 -32.64 -13.53
CA THR D 30 1.24 -33.33 -14.57
C THR D 30 0.28 -34.14 -15.42
N GLN D 31 -0.58 -34.90 -14.76
CA GLN D 31 -1.65 -35.64 -15.44
C GLN D 31 -2.46 -34.71 -16.35
N ALA D 32 -2.77 -33.52 -15.83
CA ALA D 32 -3.53 -32.51 -16.58
C ALA D 32 -2.76 -31.99 -17.78
N GLU D 33 -1.47 -31.73 -17.61
CA GLU D 33 -0.62 -31.29 -18.71
C GLU D 33 -0.21 -32.47 -19.62
N ASN D 34 -0.26 -33.69 -19.08
CA ASN D 34 -0.12 -34.99 -19.79
C ASN D 34 -1.27 -35.30 -20.71
N ALA D 35 -2.43 -34.69 -20.48
CA ALA D 35 -3.64 -35.11 -21.19
C ALA D 35 -3.36 -34.98 -22.66
N GLU D 36 -3.90 -35.90 -23.44
CA GLU D 36 -3.59 -35.95 -24.85
C GLU D 36 -3.83 -34.59 -25.52
N PHE D 37 -5.02 -34.06 -25.34
CA PHE D 37 -5.38 -32.80 -25.96
C PHE D 37 -4.30 -31.75 -25.72
N MET D 38 -3.96 -31.56 -24.46
CA MET D 38 -2.90 -30.62 -24.07
C MET D 38 -1.53 -31.01 -24.62
N ARG D 39 -1.16 -32.29 -24.54
CA ARG D 39 0.10 -32.74 -25.14
C ARG D 39 0.16 -32.27 -26.58
N ASN D 40 -0.89 -32.54 -27.35
CA ASN D 40 -0.93 -32.14 -28.75
C ASN D 40 -0.89 -30.64 -28.92
N PHE D 41 -1.55 -29.93 -28.00
CA PHE D 41 -1.49 -28.48 -27.98
C PHE D 41 -0.02 -28.05 -27.86
N GLN D 42 0.69 -28.54 -26.83
CA GLN D 42 2.09 -28.18 -26.57
C GLN D 42 2.99 -28.48 -27.77
N LYS D 43 2.87 -29.70 -28.31
CA LYS D 43 3.61 -30.11 -29.51
C LYS D 43 3.19 -29.37 -30.78
N GLY D 44 2.25 -28.43 -30.67
CA GLY D 44 1.85 -27.61 -31.80
C GLY D 44 0.64 -28.12 -32.58
N GLN D 45 0.21 -29.35 -32.31
CA GLN D 45 -0.94 -29.94 -33.02
C GLN D 45 -2.28 -29.57 -32.42
N VAL D 46 -2.96 -28.59 -33.00
CA VAL D 46 -4.27 -28.15 -32.51
C VAL D 46 -5.08 -27.58 -33.69
N THR D 47 -6.36 -27.96 -33.78
CA THR D 47 -7.18 -27.60 -34.93
C THR D 47 -8.11 -26.46 -34.57
N ARG D 48 -8.76 -25.88 -35.58
CA ARG D 48 -9.71 -24.79 -35.33
C ARG D 48 -10.87 -25.28 -34.52
N ASP D 49 -11.45 -26.40 -34.93
CA ASP D 49 -12.56 -26.96 -34.16
C ASP D 49 -12.15 -27.22 -32.71
N GLY D 50 -10.94 -27.74 -32.54
CA GLY D 50 -10.39 -27.98 -31.21
C GLY D 50 -10.30 -26.72 -30.40
N PHE D 51 -9.71 -25.68 -30.99
CA PHE D 51 -9.56 -24.41 -30.33
C PHE D 51 -10.90 -23.81 -29.98
N LYS D 52 -11.80 -23.77 -30.96
CA LYS D 52 -13.16 -23.31 -30.72
C LYS D 52 -13.83 -23.97 -29.51
N LEU D 53 -13.51 -25.25 -29.32
CA LEU D 53 -14.05 -25.99 -28.19
C LEU D 53 -13.52 -25.56 -26.85
N VAL D 54 -12.20 -25.44 -26.70
CA VAL D 54 -11.64 -24.99 -25.43
C VAL D 54 -12.11 -23.57 -25.09
N MET D 55 -12.13 -22.70 -26.09
CA MET D 55 -12.55 -21.32 -25.87
C MET D 55 -13.99 -21.26 -25.37
N ALA D 56 -14.85 -22.08 -25.96
CA ALA D 56 -16.22 -22.23 -25.52
C ALA D 56 -16.28 -22.74 -24.06
N SER D 57 -15.42 -23.70 -23.73
CA SER D 57 -15.33 -24.22 -22.38
C SER D 57 -14.90 -23.14 -21.41
N LEU D 58 -13.86 -22.42 -21.77
CA LEU D 58 -13.33 -21.38 -20.90
C LEU D 58 -14.42 -20.37 -20.59
N TYR D 59 -15.22 -20.04 -21.59
CA TYR D 59 -16.33 -19.12 -21.41
C TYR D 59 -17.27 -19.59 -20.33
N HIS D 60 -17.76 -20.82 -20.50
CA HIS D 60 -18.71 -21.40 -19.55
C HIS D 60 -18.14 -21.45 -18.14
N ILE D 61 -16.87 -21.78 -18.08
CA ILE D 61 -16.19 -21.92 -16.82
C ILE D 61 -16.04 -20.55 -16.18
N TYR D 62 -15.38 -19.65 -16.88
CA TYR D 62 -15.14 -18.30 -16.35
C TYR D 62 -16.41 -17.52 -16.08
N VAL D 63 -17.48 -17.80 -16.82
CA VAL D 63 -18.76 -17.18 -16.46
C VAL D 63 -19.21 -17.62 -15.06
N ALA D 64 -19.15 -18.93 -14.82
CA ALA D 64 -19.58 -19.53 -13.56
C ALA D 64 -18.70 -19.09 -12.41
N LEU D 65 -17.40 -19.12 -12.64
CA LEU D 65 -16.43 -18.76 -11.62
C LEU D 65 -16.60 -17.32 -11.20
N GLU D 66 -16.74 -16.43 -12.17
CA GLU D 66 -16.79 -15.00 -11.89
C GLU D 66 -18.13 -14.59 -11.34
N GLU D 67 -19.17 -15.33 -11.71
CA GLU D 67 -20.49 -15.16 -11.13
C GLU D 67 -20.41 -15.40 -9.63
N GLU D 68 -19.75 -16.49 -9.25
CA GLU D 68 -19.63 -16.87 -7.84
C GLU D 68 -18.62 -16.04 -7.09
N ILE D 69 -17.61 -15.52 -7.79
CA ILE D 69 -16.67 -14.61 -7.15
C ILE D 69 -17.44 -13.35 -6.74
N GLU D 70 -18.21 -12.79 -7.67
CA GLU D 70 -19.04 -11.64 -7.35
C GLU D 70 -19.98 -11.89 -6.18
N ARG D 71 -20.57 -13.09 -6.10
CA ARG D 71 -21.44 -13.43 -4.99
C ARG D 71 -20.71 -13.30 -3.66
N ASN D 72 -19.44 -13.71 -3.60
CA ASN D 72 -18.72 -13.82 -2.33
C ASN D 72 -17.51 -12.88 -2.16
N LYS D 73 -17.45 -11.80 -2.94
CA LYS D 73 -16.28 -10.89 -2.90
C LYS D 73 -16.08 -10.17 -1.56
N GLU D 74 -17.17 -9.95 -0.83
CA GLU D 74 -17.09 -9.27 0.46
C GLU D 74 -16.83 -10.22 1.61
N SER D 75 -16.96 -11.52 1.38
CA SER D 75 -16.70 -12.49 2.45
C SER D 75 -15.22 -12.54 2.82
N PRO D 76 -14.91 -12.70 4.11
CA PRO D 76 -13.54 -12.88 4.57
C PRO D 76 -12.85 -14.04 3.89
N VAL D 77 -13.61 -15.06 3.48
CA VAL D 77 -12.99 -16.28 2.89
C VAL D 77 -12.55 -16.12 1.43
N PHE D 78 -12.89 -14.98 0.81
CA PHE D 78 -12.41 -14.66 -0.52
C PHE D 78 -11.85 -13.24 -0.72
N ALA D 79 -12.41 -12.25 -0.04
CA ALA D 79 -12.09 -10.85 -0.29
C ALA D 79 -10.62 -10.55 -0.52
N PRO D 80 -9.72 -11.12 0.28
CA PRO D 80 -8.30 -10.86 0.07
C PRO D 80 -7.70 -11.26 -1.31
N VAL D 81 -8.35 -12.16 -2.06
CA VAL D 81 -7.85 -12.55 -3.39
C VAL D 81 -8.76 -12.07 -4.52
N TYR D 82 -9.61 -11.09 -4.20
CA TYR D 82 -10.50 -10.48 -5.17
C TYR D 82 -9.77 -9.39 -5.97
N PHE D 83 -9.45 -9.67 -7.23
CA PHE D 83 -8.76 -8.72 -8.10
C PHE D 83 -9.48 -8.61 -9.43
N PRO D 84 -10.69 -8.04 -9.40
CA PRO D 84 -11.57 -8.01 -10.55
C PRO D 84 -10.89 -7.43 -11.79
N GLU D 85 -10.41 -6.20 -11.70
CA GLU D 85 -9.87 -5.54 -12.87
C GLU D 85 -8.70 -6.31 -13.45
N GLU D 86 -7.91 -6.92 -12.59
CA GLU D 86 -6.65 -7.51 -13.03
C GLU D 86 -6.89 -8.86 -13.71
N LEU D 87 -7.89 -9.60 -13.24
CA LEU D 87 -8.07 -10.98 -13.67
C LEU D 87 -9.27 -11.29 -14.54
N HIS D 88 -10.37 -10.56 -14.37
CA HIS D 88 -11.61 -10.94 -15.06
C HIS D 88 -11.43 -11.32 -16.54
N ARG D 89 -11.95 -12.49 -16.88
CA ARG D 89 -11.84 -13.04 -18.21
C ARG D 89 -13.14 -13.09 -19.02
N LYS D 90 -14.29 -12.97 -18.35
CA LYS D 90 -15.54 -13.11 -19.04
C LYS D 90 -15.57 -12.27 -20.29
N ALA D 91 -15.27 -10.99 -20.14
CA ALA D 91 -15.41 -10.06 -21.26
C ALA D 91 -14.52 -10.42 -22.46
N ALA D 92 -13.24 -10.68 -22.20
CA ALA D 92 -12.33 -11.07 -23.25
C ALA D 92 -12.83 -12.33 -23.93
N LEU D 93 -13.42 -13.25 -23.16
CA LEU D 93 -13.90 -14.46 -23.77
C LEU D 93 -15.05 -14.13 -24.70
N GLU D 94 -15.93 -13.26 -24.24
CA GLU D 94 -17.00 -12.77 -25.10
C GLU D 94 -16.43 -12.22 -26.41
N GLN D 95 -15.41 -11.36 -26.33
CA GLN D 95 -14.80 -10.79 -27.54
C GLN D 95 -14.33 -11.90 -28.47
N ASP D 96 -13.65 -12.86 -27.89
CA ASP D 96 -13.06 -13.93 -28.66
C ASP D 96 -14.11 -14.82 -29.34
N LEU D 97 -15.10 -15.27 -28.57
CA LEU D 97 -16.14 -16.12 -29.12
C LEU D 97 -16.89 -15.43 -30.26
N ALA D 98 -17.16 -14.14 -30.10
CA ALA D 98 -17.76 -13.36 -31.19
C ALA D 98 -16.95 -13.57 -32.46
N PHE D 99 -15.64 -13.46 -32.35
CA PHE D 99 -14.79 -13.72 -33.50
C PHE D 99 -14.89 -15.18 -33.93
N TRP D 100 -14.61 -16.13 -33.04
CA TRP D 100 -14.55 -17.55 -33.45
C TRP D 100 -15.88 -18.12 -33.91
N TYR D 101 -16.98 -17.70 -33.31
CA TYR D 101 -18.27 -18.29 -33.62
C TYR D 101 -19.23 -17.35 -34.35
N GLY D 102 -18.80 -16.12 -34.63
CA GLY D 102 -19.68 -15.14 -35.28
C GLY D 102 -20.61 -14.43 -34.33
N PRO D 103 -21.36 -13.45 -34.84
CA PRO D 103 -22.23 -12.61 -34.00
C PRO D 103 -23.24 -13.37 -33.18
N ARG D 104 -23.65 -14.55 -33.65
CA ARG D 104 -24.61 -15.34 -32.88
C ARG D 104 -23.94 -16.48 -32.12
N TRP D 105 -22.67 -16.27 -31.74
CA TRP D 105 -21.95 -17.22 -30.87
C TRP D 105 -22.81 -17.63 -29.67
N GLN D 106 -23.44 -16.65 -29.04
CA GLN D 106 -24.30 -16.88 -27.90
C GLN D 106 -25.13 -18.13 -28.09
N GLU D 107 -25.77 -18.22 -29.25
CA GLU D 107 -26.75 -19.26 -29.53
C GLU D 107 -26.14 -20.57 -29.99
N VAL D 108 -24.98 -20.51 -30.63
CA VAL D 108 -24.40 -21.68 -31.29
C VAL D 108 -23.18 -22.36 -30.63
N ILE D 109 -22.74 -21.91 -29.44
CA ILE D 109 -21.58 -22.54 -28.79
C ILE D 109 -22.00 -23.79 -28.03
N PRO D 110 -21.19 -24.85 -28.06
CA PRO D 110 -21.54 -26.07 -27.37
C PRO D 110 -21.56 -25.89 -25.87
N TYR D 111 -22.26 -26.80 -25.18
CA TYR D 111 -22.24 -26.88 -23.72
C TYR D 111 -22.32 -28.35 -23.37
N THR D 112 -21.20 -29.04 -23.53
CA THR D 112 -21.12 -30.47 -23.37
C THR D 112 -21.26 -30.86 -21.91
N PRO D 113 -21.46 -32.16 -21.66
CA PRO D 113 -21.54 -32.63 -20.27
C PRO D 113 -20.34 -32.31 -19.37
N ALA D 114 -19.12 -32.34 -19.90
CA ALA D 114 -17.95 -32.05 -19.07
C ALA D 114 -17.86 -30.57 -18.70
N MET D 115 -18.38 -29.72 -19.58
CA MET D 115 -18.49 -28.30 -19.27
C MET D 115 -19.52 -28.07 -18.18
N GLN D 116 -20.68 -28.72 -18.30
CA GLN D 116 -21.73 -28.65 -17.27
C GLN D 116 -21.21 -29.11 -15.92
N ARG D 117 -20.47 -30.21 -15.93
CA ARG D 117 -19.96 -30.80 -14.71
C ARG D 117 -19.05 -29.81 -14.01
N TYR D 118 -18.23 -29.09 -14.78
CA TYR D 118 -17.32 -28.07 -14.24
C TYR D 118 -18.14 -26.86 -13.74
N VAL D 119 -19.04 -26.40 -14.57
CA VAL D 119 -19.88 -25.27 -14.20
C VAL D 119 -20.65 -25.61 -12.94
N LYS D 120 -21.14 -26.86 -12.88
CA LYS D 120 -21.96 -27.30 -11.75
C LYS D 120 -21.15 -27.22 -10.46
N ARG D 121 -19.93 -27.75 -10.47
CA ARG D 121 -19.11 -27.76 -9.28
C ARG D 121 -18.86 -26.35 -8.81
N LEU D 122 -18.44 -25.48 -9.74
CA LEU D 122 -18.20 -24.08 -9.41
C LEU D 122 -19.38 -23.45 -8.66
N HIS D 123 -20.60 -23.67 -9.15
CA HIS D 123 -21.77 -23.08 -8.51
C HIS D 123 -22.01 -23.72 -7.14
N GLU D 124 -21.88 -25.04 -7.04
CA GLU D 124 -22.05 -25.71 -5.77
C GLU D 124 -21.09 -25.11 -4.75
N VAL D 125 -19.86 -24.86 -5.17
CA VAL D 125 -18.85 -24.26 -4.30
C VAL D 125 -19.22 -22.86 -3.88
N GLY D 126 -19.62 -22.03 -4.85
CA GLY D 126 -19.93 -20.65 -4.56
C GLY D 126 -21.13 -20.49 -3.65
N ARG D 127 -22.11 -21.38 -3.83
CA ARG D 127 -23.37 -21.26 -3.12
C ARG D 127 -23.27 -21.84 -1.73
N THR D 128 -22.55 -22.94 -1.56
CA THR D 128 -22.58 -23.69 -0.30
C THR D 128 -21.20 -23.91 0.37
N GLU D 129 -20.11 -23.62 -0.32
CA GLU D 129 -18.77 -23.75 0.29
C GLU D 129 -17.84 -22.64 -0.18
N PRO D 130 -18.27 -21.39 -0.08
CA PRO D 130 -17.48 -20.28 -0.62
C PRO D 130 -16.02 -20.29 -0.16
N GLU D 131 -15.78 -20.78 1.05
CA GLU D 131 -14.42 -20.93 1.57
C GLU D 131 -13.49 -21.69 0.64
N LEU D 132 -14.03 -22.58 -0.19
CA LEU D 132 -13.20 -23.31 -1.16
C LEU D 132 -12.97 -22.61 -2.51
N LEU D 133 -13.69 -21.52 -2.76
CA LEU D 133 -13.66 -20.87 -4.06
C LEU D 133 -12.25 -20.51 -4.51
N VAL D 134 -11.45 -20.04 -3.55
CA VAL D 134 -10.03 -19.74 -3.79
C VAL D 134 -9.24 -20.89 -4.46
N ALA D 135 -9.70 -22.13 -4.27
CA ALA D 135 -9.03 -23.27 -4.92
C ALA D 135 -9.17 -23.16 -6.40
N HIS D 136 -10.37 -22.85 -6.85
CA HIS D 136 -10.65 -22.71 -8.26
C HIS D 136 -10.07 -21.47 -8.86
N ALA D 137 -10.16 -20.37 -8.11
CA ALA D 137 -9.57 -19.11 -8.54
C ALA D 137 -8.08 -19.29 -8.78
N TYR D 138 -7.40 -19.86 -7.79
CA TYR D 138 -5.98 -20.17 -7.93
C TYR D 138 -5.73 -21.02 -9.18
N THR D 139 -6.33 -22.20 -9.20
CA THR D 139 -6.17 -23.14 -10.30
C THR D 139 -6.30 -22.49 -11.66
N ARG D 140 -7.38 -21.74 -11.86
CA ARG D 140 -7.68 -21.15 -13.16
C ARG D 140 -6.82 -19.94 -13.50
N TYR D 141 -6.91 -18.92 -12.66
CA TYR D 141 -6.34 -17.62 -13.00
C TYR D 141 -4.83 -17.69 -13.03
N LEU D 142 -4.24 -18.17 -11.95
CA LEU D 142 -2.80 -18.32 -11.93
C LEU D 142 -2.30 -19.27 -13.00
N GLY D 143 -3.04 -20.34 -13.26
CA GLY D 143 -2.65 -21.26 -14.30
C GLY D 143 -2.59 -20.57 -15.64
N ASP D 144 -3.71 -19.99 -16.02
CA ASP D 144 -3.83 -19.36 -17.31
C ASP D 144 -2.86 -18.20 -17.46
N LEU D 145 -2.61 -17.50 -16.37
CA LEU D 145 -1.64 -16.42 -16.36
C LEU D 145 -0.25 -16.96 -16.67
N SER D 146 0.14 -17.98 -15.92
CA SER D 146 1.45 -18.59 -16.01
C SER D 146 1.70 -19.35 -17.33
N GLY D 147 0.69 -20.03 -17.82
CA GLY D 147 0.80 -20.78 -19.08
C GLY D 147 0.31 -20.04 -20.32
N GLY D 148 -0.11 -18.80 -20.14
CA GLY D 148 -0.74 -18.05 -21.23
C GLY D 148 0.10 -17.67 -22.43
N GLN D 149 1.11 -16.84 -22.25
CA GLN D 149 1.88 -16.29 -23.41
C GLN D 149 2.51 -17.37 -24.31
N VAL D 150 2.47 -18.60 -23.84
CA VAL D 150 3.14 -19.72 -24.49
C VAL D 150 2.09 -20.49 -25.31
N LEU D 151 0.93 -20.74 -24.71
CA LEU D 151 -0.22 -21.25 -25.46
C LEU D 151 -0.68 -20.34 -26.57
N LYS D 152 -0.69 -19.04 -26.29
CA LYS D 152 -0.97 -18.01 -27.26
C LYS D 152 -0.08 -18.20 -28.49
N LYS D 153 1.24 -18.17 -28.28
CA LYS D 153 2.18 -18.28 -29.40
C LYS D 153 1.94 -19.57 -30.19
N ILE D 154 1.80 -20.69 -29.50
CA ILE D 154 1.47 -21.94 -30.14
C ILE D 154 0.27 -21.76 -31.03
N ALA D 155 -0.78 -21.14 -30.47
CA ALA D 155 -2.06 -21.03 -31.14
C ALA D 155 -2.00 -20.21 -32.42
N GLN D 156 -1.21 -19.15 -32.43
CA GLN D 156 -1.09 -18.32 -33.62
C GLN D 156 -0.27 -18.99 -34.74
N LYS D 157 0.80 -19.70 -34.39
CA LYS D 157 1.60 -20.40 -35.40
C LYS D 157 0.71 -21.47 -36.01
N ALA D 158 0.05 -22.22 -35.17
CA ALA D 158 -0.74 -23.38 -35.60
C ALA D 158 -1.99 -23.01 -36.39
N LEU D 159 -2.79 -22.10 -35.84
CA LEU D 159 -4.11 -21.77 -36.40
C LEU D 159 -4.08 -20.79 -37.57
N ASP D 160 -2.90 -20.24 -37.88
CA ASP D 160 -2.70 -19.54 -39.14
C ASP D 160 -3.83 -18.53 -39.37
N LEU D 161 -4.06 -17.69 -38.36
CA LEU D 161 -5.23 -16.80 -38.32
C LEU D 161 -5.17 -15.67 -39.34
N PRO D 162 -6.33 -15.07 -39.66
CA PRO D 162 -6.33 -13.83 -40.44
C PRO D 162 -5.83 -12.64 -39.62
N SER D 163 -5.24 -11.64 -40.26
CA SER D 163 -4.82 -10.43 -39.54
C SER D 163 -6.05 -9.56 -39.26
N SER D 164 -6.96 -10.11 -38.46
CA SER D 164 -8.23 -9.46 -38.14
C SER D 164 -8.19 -8.78 -36.77
N GLY D 165 -7.10 -8.98 -36.03
CA GLY D 165 -6.90 -8.28 -34.75
C GLY D 165 -7.90 -8.63 -33.64
N GLU D 166 -8.40 -9.86 -33.67
CA GLU D 166 -9.20 -10.38 -32.57
C GLU D 166 -9.17 -11.90 -32.60
N GLY D 167 -9.56 -12.52 -31.49
CA GLY D 167 -9.56 -13.98 -31.36
C GLY D 167 -8.80 -14.53 -30.18
N LEU D 168 -7.80 -13.79 -29.70
CA LEU D 168 -6.91 -14.29 -28.64
C LEU D 168 -6.76 -13.35 -27.46
N ALA D 169 -7.79 -12.55 -27.22
CA ALA D 169 -7.80 -11.60 -26.11
C ALA D 169 -7.68 -12.31 -24.78
N PHE D 170 -8.27 -13.50 -24.71
CA PHE D 170 -8.22 -14.27 -23.50
C PHE D 170 -6.82 -14.43 -22.94
N PHE D 171 -5.82 -14.53 -23.84
CA PHE D 171 -4.43 -14.77 -23.45
C PHE D 171 -3.65 -13.52 -23.05
N THR D 172 -4.37 -12.43 -22.85
CA THR D 172 -3.78 -11.19 -22.40
C THR D 172 -4.61 -10.60 -21.26
N PHE D 173 -3.96 -10.35 -20.13
CA PHE D 173 -4.58 -9.66 -19.02
C PHE D 173 -4.09 -8.22 -19.06
N PRO D 174 -4.83 -7.35 -19.75
CA PRO D 174 -4.28 -6.01 -19.99
C PRO D 174 -3.94 -5.22 -18.73
N ASN D 175 -4.61 -5.52 -17.62
CA ASN D 175 -4.40 -4.79 -16.38
C ASN D 175 -3.41 -5.43 -15.41
N ILE D 176 -2.51 -6.25 -15.94
CA ILE D 176 -1.42 -6.80 -15.15
C ILE D 176 -0.17 -6.51 -15.93
N ALA D 177 0.54 -5.46 -15.52
CA ALA D 177 1.78 -5.04 -16.18
C ALA D 177 2.86 -6.12 -16.10
N SER D 178 3.05 -6.67 -14.89
CA SER D 178 4.01 -7.73 -14.63
C SER D 178 3.33 -8.95 -14.03
N ALA D 179 3.42 -10.08 -14.73
CA ALA D 179 2.87 -11.35 -14.23
C ALA D 179 3.54 -11.76 -12.91
N THR D 180 4.86 -11.78 -12.90
CA THR D 180 5.64 -12.20 -11.74
C THR D 180 5.26 -11.40 -10.50
N LYS D 181 5.16 -10.08 -10.63
CA LYS D 181 4.78 -9.25 -9.48
C LYS D 181 3.39 -9.66 -9.04
N PHE D 182 2.49 -9.88 -10.00
CA PHE D 182 1.12 -10.21 -9.64
C PHE D 182 1.00 -11.58 -9.00
N LYS D 183 1.71 -12.57 -9.51
CA LYS D 183 1.64 -13.89 -8.92
C LYS D 183 1.98 -13.84 -7.44
N GLN D 184 3.07 -13.14 -7.12
CA GLN D 184 3.54 -12.96 -5.73
C GLN D 184 2.52 -12.30 -4.84
N LEU D 185 2.00 -11.18 -5.32
CA LEU D 185 0.96 -10.50 -4.60
C LEU D 185 -0.21 -11.47 -4.39
N TYR D 186 -0.57 -12.27 -5.40
CA TYR D 186 -1.71 -13.18 -5.26
C TYR D 186 -1.41 -14.22 -4.20
N ARG D 187 -0.26 -14.88 -4.33
CA ARG D 187 0.19 -15.86 -3.31
C ARG D 187 0.20 -15.27 -1.89
N SER D 188 0.76 -14.08 -1.76
CA SER D 188 0.76 -13.36 -0.50
C SER D 188 -0.64 -13.26 0.07
N ARG D 189 -1.59 -12.88 -0.76
CA ARG D 189 -2.94 -12.73 -0.31
C ARG D 189 -3.55 -14.08 0.05
N MET D 190 -3.29 -15.11 -0.78
CA MET D 190 -3.77 -16.46 -0.49
C MET D 190 -3.32 -16.90 0.89
N ASN D 191 -2.04 -16.69 1.17
CA ASN D 191 -1.42 -17.12 2.42
C ASN D 191 -1.85 -16.28 3.60
N SER D 192 -2.31 -15.06 3.35
CA SER D 192 -2.95 -14.22 4.37
C SER D 192 -4.28 -14.81 4.84
N LEU D 193 -5.00 -15.51 3.96
CA LEU D 193 -6.30 -16.08 4.32
C LEU D 193 -6.19 -16.97 5.53
N GLU D 194 -6.93 -16.65 6.58
CA GLU D 194 -6.88 -17.53 7.74
C GLU D 194 -8.05 -18.51 7.68
N MET D 195 -7.73 -19.75 7.99
CA MET D 195 -8.68 -20.85 7.90
C MET D 195 -8.26 -21.96 8.86
N THR D 196 -9.23 -22.76 9.29
CA THR D 196 -8.93 -23.89 10.16
C THR D 196 -8.22 -24.98 9.34
N PRO D 197 -7.53 -25.91 10.02
CA PRO D 197 -6.92 -27.04 9.31
C PRO D 197 -7.95 -27.90 8.55
N ALA D 198 -9.16 -27.97 9.09
CA ALA D 198 -10.26 -28.68 8.46
C ALA D 198 -10.47 -28.11 7.07
N VAL D 199 -10.68 -26.81 7.01
CA VAL D 199 -10.92 -26.09 5.76
C VAL D 199 -9.69 -26.18 4.85
N ARG D 200 -8.52 -25.90 5.38
CA ARG D 200 -7.31 -25.94 4.59
C ARG D 200 -7.15 -27.24 3.79
N GLN D 201 -7.44 -28.38 4.40
CA GLN D 201 -7.37 -29.64 3.65
C GLN D 201 -8.48 -29.73 2.61
N ARG D 202 -9.67 -29.24 2.95
CA ARG D 202 -10.78 -29.23 2.01
C ARG D 202 -10.44 -28.41 0.76
N VAL D 203 -9.78 -27.27 0.99
CA VAL D 203 -9.27 -26.40 -0.08
C VAL D 203 -8.22 -27.10 -0.96
N ILE D 204 -7.30 -27.81 -0.31
CA ILE D 204 -6.29 -28.58 -1.03
C ILE D 204 -6.96 -29.65 -1.90
N GLU D 205 -8.03 -30.26 -1.38
CA GLU D 205 -8.76 -31.29 -2.13
C GLU D 205 -9.52 -30.68 -3.27
N GLU D 206 -10.14 -29.53 -3.01
CA GLU D 206 -10.90 -28.85 -4.04
C GLU D 206 -10.03 -28.46 -5.23
N ALA D 207 -8.78 -28.09 -4.94
CA ALA D 207 -7.81 -27.79 -6.00
C ALA D 207 -7.52 -29.03 -6.86
N LYS D 208 -7.34 -30.17 -6.23
CA LYS D 208 -7.20 -31.44 -6.95
C LYS D 208 -8.45 -31.71 -7.79
N THR D 209 -9.62 -31.53 -7.17
CA THR D 209 -10.90 -31.60 -7.88
C THR D 209 -10.88 -30.76 -9.15
N ALA D 210 -10.44 -29.51 -9.02
CA ALA D 210 -10.42 -28.59 -10.14
C ALA D 210 -9.58 -29.11 -11.28
N PHE D 211 -8.39 -29.62 -10.96
CA PHE D 211 -7.55 -30.26 -11.98
C PHE D 211 -8.23 -31.46 -12.64
N LEU D 212 -8.97 -32.26 -11.87
CA LEU D 212 -9.68 -33.41 -12.43
C LEU D 212 -10.76 -32.95 -13.40
N LEU D 213 -11.58 -32.02 -12.94
CA LEU D 213 -12.62 -31.44 -13.78
C LEU D 213 -12.06 -30.97 -15.10
N ASN D 214 -10.85 -30.41 -15.06
CA ASN D 214 -10.14 -30.05 -16.29
C ASN D 214 -9.75 -31.28 -17.05
N ILE D 215 -9.11 -32.23 -16.38
CA ILE D 215 -8.63 -33.45 -17.05
C ILE D 215 -9.77 -34.13 -17.81
N GLN D 216 -10.87 -34.35 -17.13
CA GLN D 216 -11.99 -35.03 -17.71
C GLN D 216 -12.56 -34.24 -18.89
N LEU D 217 -12.49 -32.91 -18.81
CA LEU D 217 -12.94 -32.07 -19.90
C LEU D 217 -12.05 -32.28 -21.12
N PHE D 218 -10.75 -32.41 -20.92
CA PHE D 218 -9.86 -32.61 -22.05
C PHE D 218 -10.10 -33.96 -22.69
N GLU D 219 -10.32 -34.98 -21.85
CA GLU D 219 -10.63 -36.31 -22.35
C GLU D 219 -11.90 -36.24 -23.19
N GLU D 220 -12.91 -35.53 -22.69
CA GLU D 220 -14.14 -35.36 -23.44
C GLU D 220 -13.92 -34.63 -24.78
N LEU D 221 -13.17 -33.54 -24.78
CA LEU D 221 -12.94 -32.78 -26.02
C LEU D 221 -12.17 -33.60 -27.03
N GLN D 222 -11.15 -34.29 -26.56
CA GLN D 222 -10.36 -35.16 -27.42
C GLN D 222 -11.25 -36.23 -28.06
N GLU D 223 -12.16 -36.79 -27.25
CA GLU D 223 -13.07 -37.83 -27.72
C GLU D 223 -13.90 -37.26 -28.84
N LEU D 224 -14.44 -36.07 -28.63
CA LEU D 224 -15.30 -35.44 -29.63
C LEU D 224 -14.52 -35.20 -30.92
N LEU D 225 -13.33 -34.68 -30.78
CA LEU D 225 -12.53 -34.31 -31.94
C LEU D 225 -12.08 -35.51 -32.79
N THR D 226 -12.03 -36.71 -32.20
CA THR D 226 -11.75 -37.92 -32.98
C THR D 226 -13.04 -38.74 -33.16
N HIS D 227 -13.68 -38.57 -34.33
CA HIS D 227 -14.83 -39.39 -34.73
C HIS D 227 -14.72 -39.87 -36.18
CHA HEM E . 31.20 4.44 37.40
CHB HEM E . 28.23 6.81 40.42
CHC HEM E . 28.88 10.90 37.81
CHD HEM E . 31.69 8.47 34.72
C1A HEM E . 30.37 4.75 38.44
C2A HEM E . 29.97 3.83 39.45
C3A HEM E . 29.12 4.50 40.29
C4A HEM E . 29.01 5.83 39.80
CMA HEM E . 28.44 3.93 41.52
CAA HEM E . 30.37 2.36 39.59
CBA HEM E . 31.88 2.14 39.69
CGA HEM E . 32.35 1.03 38.75
O1A HEM E . 31.75 -0.07 38.66
O2A HEM E . 33.35 1.22 38.03
C1B HEM E . 28.15 8.14 39.97
C2B HEM E . 27.33 9.13 40.58
C3B HEM E . 27.50 10.29 39.87
C4B HEM E . 28.46 9.97 38.78
CMB HEM E . 26.46 8.96 41.81
CAB HEM E . 26.93 11.64 40.08
CBB HEM E . 26.21 12.03 41.14
C1C HEM E . 29.71 10.63 36.72
C2C HEM E . 30.06 11.52 35.70
C3C HEM E . 30.87 10.82 34.81
C4C HEM E . 31.00 9.49 35.30
CMC HEM E . 29.63 12.96 35.63
CAC HEM E . 31.51 11.26 33.55
CBC HEM E . 31.32 12.45 32.99
C1D HEM E . 31.75 7.19 35.25
C2D HEM E . 32.50 6.12 34.54
C3D HEM E . 32.37 5.02 35.29
C4D HEM E . 31.53 5.39 36.44
CMD HEM E . 33.29 6.22 33.25
CAD HEM E . 32.96 3.65 34.96
CBD HEM E . 34.44 3.46 35.33
CGD HEM E . 34.88 2.11 34.78
O1D HEM E . 35.68 2.04 33.81
O2D HEM E . 34.44 1.05 35.29
NA HEM E . 29.77 5.97 38.64
NB HEM E . 28.77 8.67 38.91
NC HEM E . 30.26 9.38 36.44
ND HEM E . 31.17 6.70 36.39
FE HEM E . 30.11 7.67 37.63
CHA HEM F . -9.39 10.77 15.39
CHB HEM F . -7.60 6.41 14.35
CHC HEM F . -8.74 4.90 18.86
CHD HEM F . -9.97 9.45 20.02
C1A HEM F . -8.82 9.70 14.75
C2A HEM F . -8.32 9.76 13.43
C3A HEM F . -7.80 8.53 13.12
C4A HEM F . -7.99 7.72 14.26
CMA HEM F . -7.15 8.08 11.82
CAA HEM F . -8.41 11.03 12.61
CBA HEM F . -7.75 11.06 11.23
CGA HEM F . -8.78 11.72 10.37
O1A HEM F . -9.57 10.99 9.71
O2A HEM F . -8.86 12.97 10.33
C1B HEM F . -7.76 5.63 15.50
C2B HEM F . -7.38 4.26 15.52
C3B HEM F . -7.70 3.81 16.74
C4B HEM F . -8.30 4.94 17.52
CMB HEM F . -6.75 3.42 14.43
CAB HEM F . -7.35 2.42 17.05
CBB HEM F . -7.26 1.97 18.27
C1C HEM F . -9.16 6.02 19.60
C2C HEM F . -9.51 6.06 20.98
C3C HEM F . -9.86 7.36 21.34
C4C HEM F . -9.69 8.12 20.14
CMC HEM F . -9.51 4.90 21.93
CAC HEM F . -10.29 7.73 22.73
CBC HEM F . -10.67 8.94 23.17
C1D HEM F . -9.91 10.13 18.81
C2D HEM F . -10.27 11.55 18.78
C3D HEM F . -10.11 11.93 17.51
C4D HEM F . -9.67 10.74 16.74
CMD HEM F . -10.73 12.43 19.93
CAD HEM F . -10.41 13.34 17.05
CBD HEM F . -9.34 13.99 16.19
CGD HEM F . -10.12 14.77 15.18
O1D HEM F . -9.97 16.00 15.12
O2D HEM F . -10.92 14.15 14.45
NA HEM F . -8.61 8.45 15.26
NB HEM F . -8.30 6.00 16.68
NC HEM F . -9.31 7.28 19.12
ND HEM F . -9.54 9.69 17.58
FE HEM F . -9.02 7.93 17.15
N1 EPE G . -2.18 -12.66 30.27
C2 EPE G . -2.45 -11.30 30.76
C3 EPE G . -1.12 -10.54 30.77
N4 EPE G . 0.02 -11.23 31.47
C5 EPE G . 0.10 -12.68 31.28
C6 EPE G . -1.27 -13.32 31.25
C7 EPE G . 1.30 -10.69 30.98
C8 EPE G . 1.33 -9.20 31.16
O8 EPE G . 0.70 -8.85 32.40
C9 EPE G . -3.42 -13.39 29.87
C10 EPE G . -3.79 -14.56 30.79
S EPE G . -4.13 -14.10 32.37
O1S EPE G . -4.18 -12.62 32.43
O2S EPE G . -3.09 -14.60 33.30
O3S EPE G . -5.44 -14.66 32.80
CHA HEM H . -24.04 6.92 -38.19
CHB HEM H . -20.03 5.74 -40.68
CHC HEM H . -17.44 8.78 -37.89
CHD HEM H . -21.24 9.17 -34.91
C1A HEM H . -23.18 6.39 -39.13
C2A HEM H . -23.56 5.53 -40.20
C3A HEM H . -22.43 5.20 -40.89
C4A HEM H . -21.34 5.83 -40.25
CMA HEM H . -22.34 4.32 -42.12
CAA HEM H . -24.96 5.08 -40.54
CBA HEM H . -25.73 6.20 -41.25
CGA HEM H . -27.06 6.47 -40.55
O1A HEM H . -28.13 5.96 -40.98
O2A HEM H . -27.09 7.22 -39.53
C1B HEM H . -18.97 6.49 -40.17
C2B HEM H . -17.63 6.48 -40.68
C3B HEM H . -16.89 7.33 -39.91
C4B HEM H . -17.84 7.88 -38.90
CMB HEM H . -17.11 5.69 -41.87
CAB HEM H . -15.46 7.72 -39.98
CBB HEM H . -14.56 7.24 -40.86
C1C HEM H . -18.23 9.14 -36.81
C2C HEM H . -17.76 9.87 -35.69
C3C HEM H . -18.86 9.98 -34.82
C4C HEM H . -19.95 9.30 -35.43
CMC HEM H . -16.36 10.43 -35.52
CAC HEM H . -18.97 10.65 -33.52
CBC HEM H . -17.97 11.33 -32.94
C1D HEM H . -22.29 8.58 -35.63
C2D HEM H . -23.65 8.56 -35.06
C3D HEM H . -24.44 7.98 -35.96
C4D HEM H . -23.55 7.61 -37.10
CMD HEM H . -24.12 9.12 -33.74
CAD HEM H . -25.92 7.72 -35.76
CBD HEM H . -26.87 8.75 -36.37
CGD HEM H . -28.31 8.29 -36.22
O1D HEM H . -29.08 8.80 -35.37
O2D HEM H . -28.77 7.38 -36.97
NA HEM H . -21.81 6.54 -39.16
NB HEM H . -19.03 7.30 -39.13
NC HEM H . -19.53 8.79 -36.62
ND HEM H . -22.27 7.97 -36.86
FE HEM H . -20.73 7.74 -37.98
CHA HEM I . 2.14 -23.23 -13.74
CHB HEM I . 2.48 -24.10 -18.51
CHC HEM I . -1.95 -26.24 -18.38
CHD HEM I . -2.52 -24.57 -13.86
C1A HEM I . 2.62 -23.33 -15.02
C2A HEM I . 3.92 -22.92 -15.44
C3A HEM I . 4.00 -23.16 -16.77
C4A HEM I . 2.75 -23.71 -17.20
CMA HEM I . 5.21 -22.87 -17.65
CAA HEM I . 5.03 -22.32 -14.58
CBA HEM I . 5.42 -23.15 -13.35
CGA HEM I . 5.36 -22.38 -12.05
O1A HEM I . 6.15 -22.67 -11.13
O2A HEM I . 4.54 -21.45 -11.86
C1B HEM I . 1.29 -24.77 -18.89
C2B HEM I . 1.05 -25.27 -20.20
C3B HEM I . -0.19 -25.88 -20.18
C4B HEM I . -0.69 -25.76 -18.80
CMB HEM I . 1.99 -25.15 -21.39
CAB HEM I . -0.92 -26.59 -21.25
CBB HEM I . -0.42 -26.86 -22.46
C1C HEM I . -2.55 -25.97 -17.14
C2C HEM I . -3.87 -26.27 -16.75
C3C HEM I . -4.04 -25.78 -15.44
C4C HEM I . -2.79 -25.16 -15.07
CMC HEM I . -4.88 -27.02 -17.57
CAC HEM I . -5.20 -25.81 -14.53
CBC HEM I . -6.41 -26.27 -14.84
C1D HEM I . -1.26 -24.09 -13.50
C2D HEM I . -1.04 -23.55 -12.15
C3D HEM I . 0.26 -23.19 -12.11
C4D HEM I . 0.82 -23.51 -13.44
CMD HEM I . -1.99 -23.40 -10.98
CAD HEM I . 0.94 -22.58 -10.92
CBD HEM I . 1.50 -23.68 -10.02
CGD HEM I . 2.21 -23.05 -8.85
O1D HEM I . 1.77 -23.22 -7.70
O2D HEM I . 3.23 -22.35 -9.04
NA HEM I . 1.90 -23.79 -16.10
NB HEM I . 0.25 -25.09 -18.11
NC HEM I . -1.94 -25.27 -16.12
ND HEM I . -0.12 -24.04 -14.26
FE HEM I . 0.06 -24.63 -16.08
N1 EPE J . -19.27 -28.05 -33.80
C2 EPE J . -20.56 -27.44 -33.48
C3 EPE J . -20.39 -26.02 -32.94
N4 EPE J . -19.43 -25.20 -33.71
C5 EPE J . -18.09 -25.88 -33.82
C6 EPE J . -18.11 -27.29 -33.27
C7 EPE J . -20.00 -24.74 -35.02
C8 EPE J . -20.49 -23.29 -34.95
O8 EPE J . -19.48 -22.40 -35.46
C9 EPE J . -19.31 -29.42 -33.31
C10 EPE J . -17.93 -30.04 -33.41
S EPE J . -18.05 -31.67 -33.16
O1S EPE J . -16.82 -32.01 -32.41
O2S EPE J . -18.12 -32.47 -34.42
O3S EPE J . -19.32 -31.92 -32.39
#